data_9DS1
#
_entry.id   9DS1
#
_cell.length_a   129.466
_cell.length_b   129.466
_cell.length_c   443.769
_cell.angle_alpha   90.00
_cell.angle_beta   90.00
_cell.angle_gamma   120.00
#
_symmetry.space_group_name_H-M   'H 3 2'
#
loop_
_entity.id
_entity.type
_entity.pdbx_description
1 polymer 'Hemagglutinin HA1 chai'
2 polymer 'Hemagglutinin HA2 chain'
3 polymer '241_2F04, Heavy chain'
4 polymer '241_2F04, Light chain'
5 branched beta-D-mannopyranose-(1-4)-2-acetamido-2-deoxy-beta-D-glucopyranose-(1-4)-2-acetamido-2-deoxy-beta-D-glucopyranose
6 non-polymer 2-acetamido-2-deoxy-beta-D-glucopyranose
7 water water
#
loop_
_entity_poly.entity_id
_entity_poly.type
_entity_poly.pdbx_seq_one_letter_code
_entity_poly.pdbx_strand_id
1 'polypeptide(L)'
;ADPGDTLCIGYHANNSTDTVDTVLEKNVTVTHSVNLLEDKHNGKLCKLRGVAPLHLGKCNIAGWILGNPECESLSTASSW
SYIVETPSSDNGTCYPGDFIDYEELREQLSSVSSFERFEIFPKTSSWPNHDSNKGVTAACPHAGAKSFYKNLIWLVKKGN
SYPKLSKSYINDKGKEVLVLWGIHHPSTSADQQSLYQNADTYVFVGGSRYSKKFKPEIAIRPKVRDQEGRMNYYWTLVEP
GDKITFEATGNLVVPRYAFAMERNAGSGIIISDTPVHDCNTTCQTPKGAINTSLPFQNIHPITIGKCPKYVKSTKLRLAT
GLRNIPS
;
A
2 'polypeptide(L)'
;GLFGAIAGFIEGGWTGMVDGWYGYHHQNEQGSGYAADLKSTQNAIDGITNKVNSVIEKMNTQFTAVGKEFNHLEKRIENL
NKKVDDGFLDIWTYNAELLVLLENERTLDYHDSNVKNLYEKVRSQLKNNAKEIGNGCFEFYHKCDNTCMESVKNGTYDYP
KYSEEAKLNREEIDS
;
B
3 'polypeptide(L)'
;EVQLLESGGGLVQPGGSLRLSCAVSGFTFSKYAMNWVRQAPGKGLEWVSHISGSGISTYYADSVKGRFTISRDTSKNMLY
LQMNSLRAEDTAIYYCAKDAISGQIWLQGTFDYWGQGTLVTVFNQIKGPSVFPLAPSSKSTSGGTAALGCLVKDYFPEPV
TVSWNSGALTSGVHTFPAVLQSSGLYSLSSVVTVPSSSLGTQTYICNVNHKPSNTKVDKKVEPKSC
;
H
4 'polypeptide(L)'
;EIVMTQSPATLSVSPGERATLSCRASQSVSSNLAWYQQKPGQAPRLLIYGASTRATGIPPRFSGSGSGTEFSLTISSLQS
EDFAVYYCQQYNNWPPITFGQGTRLEIKRTVAAPSVFIFPPSDEQLKSGTASVVCLLNNFYPREAKVQWKVDNALQSGNS
QESVTEQDSKDSTYSLSSTLTLSKADYEKHKVYACEVTHQGLSSPVTKSFNRGEC
;
L
#
# COMPACT_ATOMS: atom_id res chain seq x y z
N ALA A 1 36.63 17.77 16.27
CA ALA A 1 35.29 18.18 16.65
C ALA A 1 34.59 17.06 17.43
N ASP A 2 33.32 17.27 17.75
CA ASP A 2 32.53 16.23 18.40
C ASP A 2 32.41 15.00 17.49
N PRO A 3 32.34 13.82 18.08
CA PRO A 3 31.97 12.62 17.31
C PRO A 3 30.46 12.58 17.08
N GLY A 4 30.01 11.53 16.40
CA GLY A 4 28.60 11.33 16.14
C GLY A 4 28.36 11.03 14.68
N ASP A 5 27.06 10.93 14.34
CA ASP A 5 26.50 10.51 13.05
C ASP A 5 26.51 9.00 12.89
N THR A 6 25.44 8.45 12.29
CA THR A 6 25.26 7.00 12.18
C THR A 6 24.90 6.60 10.76
N LEU A 7 25.35 5.41 10.38
CA LEU A 7 25.01 4.78 9.12
C LEU A 7 24.59 3.34 9.40
N CYS A 8 23.48 2.91 8.80
CA CYS A 8 22.92 1.59 9.01
C CYS A 8 22.74 0.85 7.70
N ILE A 9 22.96 -0.46 7.73
CA ILE A 9 22.77 -1.33 6.57
C ILE A 9 21.52 -2.15 6.80
N GLY A 10 20.59 -2.11 5.85
CA GLY A 10 19.35 -2.84 5.97
C GLY A 10 18.81 -3.31 4.63
N TYR A 11 17.64 -3.95 4.69
CA TYR A 11 17.03 -4.58 3.53
C TYR A 11 15.56 -4.25 3.45
N HIS A 12 14.99 -4.49 2.27
CA HIS A 12 13.64 -4.03 1.95
C HIS A 12 12.57 -4.84 2.67
N ALA A 13 11.41 -4.20 2.89
CA ALA A 13 10.21 -4.89 3.32
C ALA A 13 9.01 -4.16 2.75
N ASN A 14 7.86 -4.85 2.71
CA ASN A 14 6.64 -4.27 2.14
C ASN A 14 5.43 -4.94 2.77
N ASN A 15 4.25 -4.58 2.26
CA ASN A 15 2.98 -5.11 2.74
C ASN A 15 2.59 -6.40 2.04
N SER A 16 3.52 -7.04 1.33
CA SER A 16 3.23 -8.26 0.58
C SER A 16 2.91 -9.42 1.52
N THR A 17 1.92 -10.23 1.12
CA THR A 17 1.54 -11.45 1.83
C THR A 17 1.81 -12.71 1.02
N ASP A 18 2.50 -12.59 -0.11
CA ASP A 18 2.86 -13.77 -0.89
C ASP A 18 3.67 -14.74 -0.05
N THR A 19 3.29 -16.01 -0.07
CA THR A 19 3.99 -17.06 0.66
C THR A 19 4.57 -18.06 -0.32
N VAL A 20 5.80 -18.49 -0.03
CA VAL A 20 6.45 -19.53 -0.81
C VAL A 20 6.83 -20.65 0.15
N ASP A 21 7.22 -21.78 -0.43
CA ASP A 21 7.70 -22.93 0.32
C ASP A 21 9.19 -23.11 0.03
N THR A 22 9.92 -23.57 1.04
CA THR A 22 11.34 -23.82 0.96
C THR A 22 11.61 -25.21 1.50
N VAL A 23 12.83 -25.70 1.25
CA VAL A 23 13.17 -27.05 1.70
C VAL A 23 13.14 -27.14 3.22
N LEU A 24 13.53 -26.07 3.92
CA LEU A 24 13.58 -26.11 5.37
C LEU A 24 12.29 -25.63 6.04
N GLU A 25 11.48 -24.83 5.34
CA GLU A 25 10.38 -24.12 5.97
C GLU A 25 9.24 -23.93 4.99
N LYS A 26 8.02 -23.93 5.51
CA LYS A 26 6.81 -23.74 4.72
C LYS A 26 6.15 -22.40 5.04
N ASN A 27 5.47 -21.84 4.04
CA ASN A 27 4.73 -20.59 4.18
C ASN A 27 5.64 -19.47 4.72
N VAL A 28 6.71 -19.23 3.97
CA VAL A 28 7.60 -18.12 4.25
C VAL A 28 7.11 -16.93 3.42
N THR A 29 6.66 -15.88 4.10
CA THR A 29 6.24 -14.67 3.40
C THR A 29 7.46 -13.98 2.81
N VAL A 30 7.34 -13.56 1.55
CA VAL A 30 8.43 -12.93 0.83
C VAL A 30 7.92 -11.65 0.19
N THR A 31 8.86 -10.77 -0.16
CA THR A 31 8.47 -9.46 -0.68
C THR A 31 8.00 -9.55 -2.12
N HIS A 32 8.66 -10.39 -2.94
CA HIS A 32 8.29 -10.58 -4.33
C HIS A 32 8.36 -12.06 -4.68
N SER A 33 7.54 -12.49 -5.63
CA SER A 33 7.54 -13.87 -6.09
C SER A 33 6.86 -13.96 -7.45
N VAL A 34 7.15 -15.04 -8.17
CA VAL A 34 6.54 -15.30 -9.47
C VAL A 34 5.99 -16.72 -9.48
N ASN A 35 4.97 -16.92 -10.32
CA ASN A 35 4.32 -18.21 -10.48
C ASN A 35 4.88 -18.90 -11.72
N LEU A 36 5.35 -20.13 -11.56
CA LEU A 36 5.83 -20.96 -12.67
C LEU A 36 4.76 -21.92 -13.18
N LEU A 37 3.59 -21.95 -12.55
CA LEU A 37 2.54 -22.91 -12.87
C LEU A 37 1.38 -22.16 -13.50
N GLU A 38 1.13 -22.42 -14.79
CA GLU A 38 -0.04 -21.87 -15.45
C GLU A 38 -1.26 -22.69 -15.04
N ASP A 39 -2.29 -22.00 -14.54
CA ASP A 39 -3.48 -22.65 -14.02
C ASP A 39 -4.75 -21.99 -14.54
N LYS A 40 -4.65 -21.25 -15.63
CA LYS A 40 -5.81 -20.55 -16.21
C LYS A 40 -5.87 -20.84 -17.71
N HIS A 41 -7.09 -20.97 -18.22
CA HIS A 41 -7.32 -21.10 -19.65
C HIS A 41 -8.43 -20.14 -20.06
N ASN A 42 -8.53 -19.88 -21.36
CA ASN A 42 -9.54 -18.96 -21.86
C ASN A 42 -10.92 -19.60 -22.04
N GLY A 43 -11.05 -20.91 -21.76
CA GLY A 43 -12.33 -21.57 -21.89
C GLY A 43 -12.85 -21.72 -23.31
N LYS A 44 -11.97 -21.63 -24.31
CA LYS A 44 -12.36 -21.64 -25.71
C LYS A 44 -11.45 -22.58 -26.49
N LEU A 45 -12.00 -23.18 -27.56
CA LEU A 45 -11.22 -23.91 -28.54
C LEU A 45 -10.83 -22.96 -29.66
N CYS A 46 -9.54 -22.94 -30.01
CA CYS A 46 -8.96 -21.89 -30.85
C CYS A 46 -8.15 -22.49 -32.00
N LYS A 47 -7.52 -21.61 -32.79
CA LYS A 47 -6.85 -22.02 -34.02
C LYS A 47 -5.38 -22.31 -33.78
N LEU A 48 -4.97 -23.56 -34.01
CA LEU A 48 -3.55 -23.88 -33.89
C LEU A 48 -2.83 -23.46 -35.16
N ARG A 49 -1.69 -22.77 -34.99
CA ARG A 49 -0.87 -22.30 -36.12
C ARG A 49 -1.68 -21.43 -37.07
N GLY A 50 -2.69 -20.73 -36.55
CA GLY A 50 -3.55 -19.88 -37.33
C GLY A 50 -4.74 -20.56 -37.97
N VAL A 51 -4.68 -21.88 -38.16
CA VAL A 51 -5.72 -22.62 -38.88
C VAL A 51 -6.79 -23.06 -37.90
N ALA A 52 -8.05 -22.80 -38.24
CA ALA A 52 -9.17 -23.18 -37.39
C ALA A 52 -9.29 -24.70 -37.33
N PRO A 53 -9.90 -25.24 -36.28
CA PRO A 53 -10.16 -26.68 -36.22
C PRO A 53 -11.37 -27.06 -37.06
N LEU A 54 -11.50 -28.36 -37.29
CA LEU A 54 -12.69 -28.95 -37.91
C LEU A 54 -13.61 -29.40 -36.79
N HIS A 55 -14.79 -28.79 -36.70
CA HIS A 55 -15.76 -29.12 -35.67
C HIS A 55 -16.90 -29.89 -36.29
N LEU A 56 -17.14 -31.10 -35.78
CA LEU A 56 -18.12 -32.02 -36.36
C LEU A 56 -19.48 -31.96 -35.68
N GLY A 57 -19.53 -31.48 -34.43
CA GLY A 57 -20.78 -31.33 -33.72
C GLY A 57 -21.55 -32.61 -33.53
N LYS A 58 -22.66 -32.75 -34.26
CA LYS A 58 -23.57 -33.88 -34.10
C LYS A 58 -22.95 -35.21 -34.53
N CYS A 59 -21.85 -35.17 -35.29
CA CYS A 59 -21.30 -36.36 -35.92
C CYS A 59 -19.90 -36.65 -35.39
N ASN A 60 -19.50 -37.91 -35.58
CA ASN A 60 -18.13 -38.33 -35.38
C ASN A 60 -17.43 -38.42 -36.74
N ILE A 61 -16.15 -38.79 -36.72
CA ILE A 61 -15.38 -38.78 -37.96
C ILE A 61 -15.97 -39.77 -38.97
N ALA A 62 -16.50 -40.90 -38.50
CA ALA A 62 -17.04 -41.89 -39.44
C ALA A 62 -18.23 -41.32 -40.21
N GLY A 63 -19.21 -40.77 -39.49
CA GLY A 63 -20.34 -40.14 -40.15
C GLY A 63 -19.95 -39.00 -41.06
N TRP A 64 -19.00 -38.16 -40.63
CA TRP A 64 -18.61 -37.03 -41.47
C TRP A 64 -17.93 -37.50 -42.74
N ILE A 65 -17.00 -38.45 -42.64
CA ILE A 65 -16.24 -38.88 -43.81
C ILE A 65 -17.04 -39.81 -44.72
N LEU A 66 -18.12 -40.44 -44.23
CA LEU A 66 -18.96 -41.28 -45.08
C LEU A 66 -20.11 -40.52 -45.72
N GLY A 67 -20.59 -39.44 -45.07
CA GLY A 67 -21.72 -38.69 -45.56
C GLY A 67 -23.04 -39.08 -44.88
N ASN A 68 -22.98 -39.30 -43.58
CA ASN A 68 -24.20 -39.60 -42.83
C ASN A 68 -25.21 -38.48 -43.02
N PRO A 69 -26.51 -38.80 -43.19
CA PRO A 69 -27.49 -37.75 -43.53
C PRO A 69 -27.60 -36.63 -42.51
N GLU A 70 -27.27 -36.89 -41.24
CA GLU A 70 -27.33 -35.87 -40.20
C GLU A 70 -26.03 -35.06 -40.10
N CYS A 71 -25.16 -35.15 -41.09
CA CYS A 71 -23.86 -34.50 -41.04
C CYS A 71 -23.72 -33.48 -42.16
N GLU A 72 -23.00 -32.39 -41.86
CA GLU A 72 -22.70 -31.38 -42.85
C GLU A 72 -21.66 -31.91 -43.84
N SER A 73 -21.56 -31.22 -44.98
CA SER A 73 -20.63 -31.60 -46.03
C SER A 73 -19.77 -30.40 -46.42
N LEU A 74 -18.49 -30.68 -46.69
CA LEU A 74 -17.54 -29.64 -47.09
C LEU A 74 -17.45 -29.62 -48.62
N SER A 75 -17.83 -28.49 -49.22
CA SER A 75 -17.80 -28.33 -50.67
C SER A 75 -16.51 -27.67 -51.14
N THR A 76 -16.12 -26.57 -50.50
CA THR A 76 -14.89 -25.87 -50.85
C THR A 76 -13.68 -26.63 -50.31
N ALA A 77 -12.53 -26.42 -50.96
CA ALA A 77 -11.28 -26.94 -50.44
C ALA A 77 -10.98 -26.31 -49.08
N SER A 78 -10.63 -27.15 -48.11
CA SER A 78 -10.55 -26.73 -46.73
C SER A 78 -9.26 -27.26 -46.11
N SER A 79 -9.00 -26.82 -44.88
CA SER A 79 -7.91 -27.35 -44.07
C SER A 79 -8.28 -27.16 -42.61
N TRP A 80 -7.62 -27.91 -41.73
CA TRP A 80 -7.85 -27.75 -40.31
C TRP A 80 -6.59 -28.14 -39.55
N SER A 81 -6.44 -27.55 -38.37
CA SER A 81 -5.27 -27.83 -37.52
C SER A 81 -5.51 -28.98 -36.55
N TYR A 82 -6.75 -29.23 -36.19
CA TYR A 82 -7.13 -30.41 -35.40
C TYR A 82 -8.63 -30.62 -35.58
N ILE A 83 -9.16 -31.66 -34.93
CA ILE A 83 -10.55 -32.06 -35.08
C ILE A 83 -11.22 -32.10 -33.71
N VAL A 84 -12.43 -31.58 -33.65
CA VAL A 84 -13.21 -31.54 -32.42
C VAL A 84 -14.48 -32.35 -32.60
N GLU A 85 -14.68 -33.34 -31.74
CA GLU A 85 -15.96 -34.01 -31.58
C GLU A 85 -16.54 -33.64 -30.22
N THR A 86 -17.83 -33.76 -30.11
CA THR A 86 -18.43 -33.55 -28.80
C THR A 86 -18.68 -34.90 -28.14
N PRO A 87 -18.76 -34.94 -26.81
CA PRO A 87 -19.00 -36.22 -26.13
C PRO A 87 -20.31 -36.88 -26.53
N SER A 88 -21.26 -36.14 -27.10
CA SER A 88 -22.54 -36.67 -27.53
C SER A 88 -22.62 -36.85 -29.04
N SER A 89 -21.50 -36.81 -29.76
CA SER A 89 -21.49 -36.98 -31.21
C SER A 89 -21.65 -38.47 -31.50
N ASP A 90 -22.87 -38.89 -31.81
CA ASP A 90 -23.18 -40.32 -31.84
C ASP A 90 -23.85 -40.72 -33.14
N ASN A 91 -23.38 -40.20 -34.28
CA ASN A 91 -24.06 -40.52 -35.53
C ASN A 91 -23.35 -41.57 -36.38
N GLY A 92 -22.14 -41.28 -36.86
CA GLY A 92 -21.31 -42.32 -37.47
C GLY A 92 -22.01 -43.22 -38.50
N THR A 93 -21.82 -44.52 -38.34
CA THR A 93 -22.26 -45.52 -39.32
C THR A 93 -23.69 -45.93 -38.99
N CYS A 94 -24.65 -45.28 -39.65
CA CYS A 94 -26.06 -45.53 -39.35
C CYS A 94 -26.50 -46.94 -39.76
N TYR A 95 -25.78 -47.58 -40.68
CA TYR A 95 -25.98 -49.00 -40.96
C TYR A 95 -24.97 -49.80 -40.18
N PRO A 96 -25.39 -50.73 -39.30
CA PRO A 96 -24.44 -51.35 -38.37
C PRO A 96 -23.35 -52.15 -39.07
N GLY A 97 -22.18 -52.18 -38.46
CA GLY A 97 -21.05 -52.90 -38.99
C GLY A 97 -19.75 -52.43 -38.36
N ASP A 98 -18.65 -52.85 -38.98
CA ASP A 98 -17.30 -52.55 -38.50
C ASP A 98 -16.61 -51.62 -39.48
N PHE A 99 -15.97 -50.59 -38.94
CA PHE A 99 -15.15 -49.66 -39.70
C PHE A 99 -13.71 -50.10 -39.52
N ILE A 100 -13.11 -50.64 -40.58
CA ILE A 100 -11.80 -51.27 -40.47
C ILE A 100 -10.73 -50.19 -40.29
N ASP A 101 -9.85 -50.39 -39.32
CA ASP A 101 -8.78 -49.43 -39.01
C ASP A 101 -9.35 -48.02 -38.83
N TYR A 102 -10.43 -47.93 -38.06
CA TYR A 102 -11.07 -46.64 -37.82
C TYR A 102 -10.14 -45.70 -37.04
N GLU A 103 -9.51 -46.20 -35.98
CA GLU A 103 -8.62 -45.34 -35.20
C GLU A 103 -7.46 -44.85 -36.04
N GLU A 104 -6.93 -45.70 -36.93
CA GLU A 104 -5.84 -45.27 -37.80
C GLU A 104 -6.30 -44.15 -38.72
N LEU A 105 -7.53 -44.26 -39.26
CA LEU A 105 -8.02 -43.23 -40.16
C LEU A 105 -8.21 -41.90 -39.45
N ARG A 106 -8.68 -41.96 -38.19
CA ARG A 106 -8.84 -40.74 -37.40
C ARG A 106 -7.50 -40.05 -37.17
N GLU A 107 -6.45 -40.83 -36.89
CA GLU A 107 -5.13 -40.23 -36.72
C GLU A 107 -4.66 -39.58 -38.01
N GLN A 108 -4.90 -40.23 -39.15
CA GLN A 108 -4.44 -39.73 -40.44
C GLN A 108 -5.18 -38.48 -40.87
N LEU A 109 -6.37 -38.25 -40.35
CA LEU A 109 -7.19 -37.10 -40.70
C LEU A 109 -7.12 -35.97 -39.68
N SER A 110 -6.35 -36.15 -38.60
CA SER A 110 -6.37 -35.18 -37.51
C SER A 110 -5.97 -33.78 -37.99
N SER A 111 -5.02 -33.69 -38.92
CA SER A 111 -4.65 -32.41 -39.49
C SER A 111 -4.22 -32.59 -40.94
N VAL A 112 -4.71 -31.72 -41.82
CA VAL A 112 -4.42 -31.79 -43.25
C VAL A 112 -4.14 -30.38 -43.76
N SER A 113 -3.16 -30.28 -44.67
CA SER A 113 -2.88 -29.02 -45.34
C SER A 113 -3.94 -28.68 -46.39
N SER A 114 -4.37 -29.68 -47.15
CA SER A 114 -5.34 -29.49 -48.23
C SER A 114 -6.33 -30.63 -48.21
N PHE A 115 -7.57 -30.33 -48.61
CA PHE A 115 -8.65 -31.30 -48.53
C PHE A 115 -9.74 -30.91 -49.52
N GLU A 116 -9.87 -31.68 -50.61
CA GLU A 116 -10.87 -31.40 -51.64
C GLU A 116 -11.67 -32.66 -51.93
N ARG A 117 -12.99 -32.57 -51.75
CA ARG A 117 -13.87 -33.66 -52.12
C ARG A 117 -14.23 -33.55 -53.60
N PHE A 118 -14.11 -34.66 -54.33
CA PHE A 118 -14.46 -34.73 -55.73
C PHE A 118 -15.24 -36.01 -55.99
N GLU A 119 -16.14 -35.95 -56.97
CA GLU A 119 -16.96 -37.11 -57.33
C GLU A 119 -16.09 -38.06 -58.14
N ILE A 120 -15.50 -39.04 -57.46
CA ILE A 120 -14.57 -39.96 -58.11
C ILE A 120 -15.27 -40.84 -59.13
N PHE A 121 -16.49 -41.30 -58.81
CA PHE A 121 -17.31 -42.07 -59.76
C PHE A 121 -18.66 -41.40 -59.88
N PRO A 122 -18.85 -40.53 -60.87
CA PRO A 122 -20.10 -39.75 -60.91
C PRO A 122 -21.33 -40.63 -60.98
N LYS A 123 -22.36 -40.24 -60.22
CA LYS A 123 -23.53 -41.09 -60.03
C LYS A 123 -24.27 -41.33 -61.35
N THR A 124 -24.40 -40.28 -62.18
CA THR A 124 -25.28 -40.36 -63.33
C THR A 124 -24.71 -41.14 -64.51
N SER A 125 -23.41 -41.44 -64.52
CA SER A 125 -22.76 -41.99 -65.71
C SER A 125 -21.87 -43.19 -65.46
N SER A 126 -21.60 -43.57 -64.22
CA SER A 126 -20.60 -44.57 -63.95
C SER A 126 -21.15 -45.98 -63.91
N TRP A 127 -22.44 -46.14 -63.68
CA TRP A 127 -23.06 -47.44 -63.45
C TRP A 127 -24.26 -47.62 -64.38
N PRO A 128 -24.02 -47.70 -65.69
CA PRO A 128 -25.15 -47.84 -66.63
C PRO A 128 -25.91 -49.15 -66.47
N ASN A 129 -25.22 -50.24 -66.12
CA ASN A 129 -25.85 -51.56 -66.03
C ASN A 129 -26.27 -51.93 -64.62
N HIS A 130 -26.22 -50.99 -63.67
CA HIS A 130 -26.62 -51.26 -62.29
C HIS A 130 -27.57 -50.17 -61.83
N ASP A 131 -28.38 -50.49 -60.82
CA ASP A 131 -29.32 -49.53 -60.27
C ASP A 131 -28.62 -48.74 -59.17
N SER A 132 -28.53 -47.43 -59.34
CA SER A 132 -27.86 -46.55 -58.39
C SER A 132 -28.84 -45.62 -57.67
N ASN A 133 -30.13 -45.98 -57.65
CA ASN A 133 -31.15 -45.14 -57.02
C ASN A 133 -31.89 -45.83 -55.88
N LYS A 134 -31.97 -47.15 -55.85
CA LYS A 134 -32.75 -47.83 -54.83
C LYS A 134 -31.93 -48.17 -53.59
N GLY A 135 -30.64 -47.86 -53.57
CA GLY A 135 -29.80 -48.21 -52.44
C GLY A 135 -29.94 -47.29 -51.24
N VAL A 136 -31.15 -47.25 -50.66
CA VAL A 136 -31.44 -46.46 -49.48
C VAL A 136 -32.05 -47.37 -48.42
N THR A 137 -31.98 -46.93 -47.17
CA THR A 137 -32.40 -47.76 -46.05
C THR A 137 -33.01 -46.89 -44.96
N ALA A 138 -33.89 -47.50 -44.16
CA ALA A 138 -34.44 -46.83 -43.00
C ALA A 138 -33.43 -46.69 -41.87
N ALA A 139 -32.31 -47.40 -41.95
CA ALA A 139 -31.26 -47.22 -40.96
C ALA A 139 -30.57 -45.87 -41.08
N CYS A 140 -30.68 -45.22 -42.23
CA CYS A 140 -30.05 -43.93 -42.49
C CYS A 140 -31.09 -42.94 -43.00
N PRO A 141 -32.07 -42.58 -42.17
CA PRO A 141 -33.16 -41.73 -42.65
C PRO A 141 -32.72 -40.28 -42.84
N HIS A 142 -33.34 -39.63 -43.82
CA HIS A 142 -33.18 -38.20 -44.07
C HIS A 142 -34.57 -37.58 -44.17
N ALA A 143 -34.91 -36.73 -43.21
CA ALA A 143 -36.23 -36.08 -43.18
C ALA A 143 -37.35 -37.12 -43.20
N GLY A 144 -37.14 -38.24 -42.49
CA GLY A 144 -38.15 -39.26 -42.36
C GLY A 144 -38.20 -40.28 -43.47
N ALA A 145 -37.54 -40.01 -44.59
CA ALA A 145 -37.48 -40.94 -45.72
C ALA A 145 -36.18 -41.70 -45.71
N LYS A 146 -36.20 -42.90 -46.29
CA LYS A 146 -35.00 -43.72 -46.37
C LYS A 146 -33.92 -43.00 -47.16
N SER A 147 -32.68 -43.15 -46.72
CA SER A 147 -31.57 -42.49 -47.39
C SER A 147 -30.31 -43.34 -47.19
N PHE A 148 -29.15 -42.76 -47.46
CA PHE A 148 -27.88 -43.47 -47.36
C PHE A 148 -26.76 -42.43 -47.18
N TYR A 149 -25.54 -42.93 -47.04
CA TYR A 149 -24.38 -42.06 -46.98
C TYR A 149 -24.21 -41.28 -48.27
N LYS A 150 -23.80 -40.01 -48.14
CA LYS A 150 -23.66 -39.16 -49.30
C LYS A 150 -22.46 -39.56 -50.16
N ASN A 151 -21.41 -40.06 -49.55
CA ASN A 151 -20.15 -40.30 -50.27
C ASN A 151 -20.10 -41.68 -50.89
N LEU A 152 -21.09 -42.52 -50.63
CA LEU A 152 -21.14 -43.88 -51.12
C LEU A 152 -22.46 -44.09 -51.84
N ILE A 153 -22.47 -45.08 -52.75
CA ILE A 153 -23.67 -45.47 -53.46
C ILE A 153 -23.87 -46.96 -53.27
N TRP A 154 -25.03 -47.34 -52.74
CA TRP A 154 -25.32 -48.74 -52.47
C TRP A 154 -25.93 -49.33 -53.75
N LEU A 155 -25.07 -49.88 -54.59
CA LEU A 155 -25.49 -50.42 -55.88
C LEU A 155 -26.29 -51.70 -55.69
N VAL A 156 -27.43 -51.79 -56.41
CA VAL A 156 -28.28 -52.97 -56.41
C VAL A 156 -28.53 -53.39 -57.85
N LYS A 157 -29.16 -54.54 -58.02
CA LYS A 157 -29.37 -55.08 -59.36
C LYS A 157 -30.29 -54.17 -60.18
N LYS A 158 -30.00 -54.06 -61.47
CA LYS A 158 -30.85 -53.32 -62.40
C LYS A 158 -31.80 -54.32 -63.06
N GLY A 159 -33.07 -54.27 -62.68
CA GLY A 159 -34.02 -55.26 -63.11
C GLY A 159 -33.81 -56.56 -62.39
N ASN A 160 -33.40 -57.60 -63.13
CA ASN A 160 -33.08 -58.90 -62.56
C ASN A 160 -31.69 -59.35 -62.97
N SER A 161 -30.80 -58.40 -63.28
CA SER A 161 -29.44 -58.71 -63.69
C SER A 161 -28.47 -57.86 -62.88
N TYR A 162 -27.41 -58.48 -62.38
CA TYR A 162 -26.27 -57.78 -61.77
C TYR A 162 -25.03 -58.31 -62.47
N PRO A 163 -24.63 -57.69 -63.58
CA PRO A 163 -23.43 -58.14 -64.30
C PRO A 163 -22.17 -57.85 -63.50
N LYS A 164 -21.09 -58.51 -63.92
CA LYS A 164 -19.81 -58.30 -63.28
C LYS A 164 -19.42 -56.83 -63.38
N LEU A 165 -19.03 -56.25 -62.25
CA LEU A 165 -18.71 -54.84 -62.16
C LEU A 165 -17.19 -54.67 -62.29
N SER A 166 -16.78 -53.63 -63.00
CA SER A 166 -15.36 -53.34 -63.14
C SER A 166 -15.20 -51.84 -63.37
N LYS A 167 -14.66 -51.13 -62.36
CA LYS A 167 -14.45 -49.69 -62.45
C LYS A 167 -13.09 -49.32 -61.88
N SER A 168 -12.39 -48.43 -62.58
CA SER A 168 -11.05 -48.03 -62.20
C SER A 168 -10.94 -46.51 -62.17
N TYR A 169 -10.09 -46.03 -61.26
CA TYR A 169 -9.75 -44.62 -61.15
C TYR A 169 -8.24 -44.48 -61.04
N ILE A 170 -7.70 -43.51 -61.79
CA ILE A 170 -6.29 -43.17 -61.75
C ILE A 170 -6.18 -41.79 -61.10
N ASN A 171 -5.32 -41.69 -60.09
CA ASN A 171 -5.12 -40.46 -59.34
C ASN A 171 -4.33 -39.48 -60.18
N ASP A 172 -5.02 -38.48 -60.72
CA ASP A 172 -4.37 -37.38 -61.43
C ASP A 172 -4.49 -36.07 -60.66
N LYS A 173 -4.64 -36.13 -59.34
CA LYS A 173 -4.84 -34.96 -58.52
C LYS A 173 -3.53 -34.37 -57.96
N GLY A 174 -2.39 -35.02 -58.21
CA GLY A 174 -1.14 -34.56 -57.69
C GLY A 174 -0.93 -34.75 -56.21
N LYS A 175 -1.91 -35.30 -55.50
CA LYS A 175 -1.79 -35.52 -54.07
C LYS A 175 -2.46 -36.84 -53.74
N GLU A 176 -2.43 -37.23 -52.47
CA GLU A 176 -3.06 -38.47 -52.06
C GLU A 176 -4.58 -38.36 -52.12
N VAL A 177 -5.23 -39.46 -52.49
CA VAL A 177 -6.68 -39.54 -52.58
C VAL A 177 -7.16 -40.59 -51.58
N LEU A 178 -8.04 -40.19 -50.66
CA LEU A 178 -8.65 -41.10 -49.71
C LEU A 178 -9.92 -41.68 -50.33
N VAL A 179 -9.95 -42.99 -50.52
CA VAL A 179 -11.08 -43.69 -51.11
C VAL A 179 -11.69 -44.61 -50.07
N LEU A 180 -13.01 -44.52 -49.89
CA LEU A 180 -13.74 -45.37 -48.96
C LEU A 180 -14.81 -46.15 -49.70
N TRP A 181 -15.08 -47.36 -49.21
CA TRP A 181 -16.10 -48.22 -49.80
C TRP A 181 -16.62 -49.16 -48.72
N GLY A 182 -17.75 -49.82 -49.01
CA GLY A 182 -18.37 -50.70 -48.05
C GLY A 182 -18.70 -52.05 -48.67
N ILE A 183 -18.74 -53.06 -47.80
CA ILE A 183 -19.12 -54.42 -48.18
C ILE A 183 -20.37 -54.77 -47.39
N HIS A 184 -21.40 -55.22 -48.10
CA HIS A 184 -22.70 -55.51 -47.49
C HIS A 184 -22.84 -57.01 -47.27
N HIS A 185 -23.23 -57.39 -46.06
CA HIS A 185 -23.47 -58.77 -45.68
C HIS A 185 -24.95 -58.93 -45.36
N PRO A 186 -25.75 -59.45 -46.28
CA PRO A 186 -27.20 -59.56 -46.04
C PRO A 186 -27.52 -60.55 -44.93
N SER A 187 -28.75 -60.44 -44.42
CA SER A 187 -29.20 -61.33 -43.36
C SER A 187 -29.64 -62.70 -43.88
N THR A 188 -30.21 -62.77 -45.08
CA THR A 188 -30.75 -64.03 -45.60
C THR A 188 -30.37 -64.20 -47.07
N SER A 189 -30.37 -65.46 -47.53
CA SER A 189 -30.18 -65.72 -48.94
C SER A 189 -31.25 -65.03 -49.78
N ALA A 190 -32.48 -64.95 -49.26
CA ALA A 190 -33.50 -64.17 -49.95
C ALA A 190 -33.04 -62.73 -50.13
N ASP A 191 -32.45 -62.15 -49.08
CA ASP A 191 -32.04 -60.75 -49.13
C ASP A 191 -30.91 -60.54 -50.14
N GLN A 192 -29.94 -61.47 -50.17
CA GLN A 192 -28.89 -61.45 -51.19
C GLN A 192 -29.48 -61.37 -52.59
N GLN A 193 -30.42 -62.26 -52.93
CA GLN A 193 -30.91 -62.32 -54.32
C GLN A 193 -31.85 -61.16 -54.63
N SER A 194 -32.61 -60.71 -53.64
CA SER A 194 -33.46 -59.55 -53.86
C SER A 194 -32.65 -58.29 -54.14
N LEU A 195 -31.42 -58.20 -53.64
CA LEU A 195 -30.61 -57.02 -53.94
C LEU A 195 -29.65 -57.21 -55.11
N TYR A 196 -29.01 -58.38 -55.24
CA TYR A 196 -27.88 -58.55 -56.15
C TYR A 196 -28.06 -59.65 -57.18
N GLN A 197 -29.12 -60.45 -57.03
CA GLN A 197 -29.59 -61.47 -57.97
C GLN A 197 -28.67 -62.68 -58.05
N ASN A 198 -27.44 -62.54 -57.55
CA ASN A 198 -26.45 -63.60 -57.64
C ASN A 198 -26.21 -64.14 -56.25
N ALA A 199 -26.09 -65.46 -56.14
CA ALA A 199 -26.01 -66.07 -54.82
C ALA A 199 -24.58 -66.11 -54.30
N ASP A 200 -23.63 -66.43 -55.16
CA ASP A 200 -22.23 -66.58 -54.78
C ASP A 200 -21.47 -65.39 -55.36
N THR A 201 -21.13 -64.43 -54.51
CA THR A 201 -20.54 -63.20 -55.01
C THR A 201 -19.21 -62.93 -54.33
N TYR A 202 -18.46 -62.01 -54.92
CA TYR A 202 -17.20 -61.56 -54.35
C TYR A 202 -17.02 -60.09 -54.70
N VAL A 203 -16.18 -59.43 -53.93
CA VAL A 203 -15.71 -58.09 -54.24
C VAL A 203 -14.20 -58.14 -54.25
N PHE A 204 -13.59 -57.47 -55.23
CA PHE A 204 -12.14 -57.30 -55.24
C PHE A 204 -11.79 -55.83 -55.43
N VAL A 205 -10.90 -55.33 -54.56
CA VAL A 205 -10.35 -53.99 -54.65
C VAL A 205 -8.84 -54.11 -54.75
N GLY A 206 -8.26 -53.49 -55.78
CA GLY A 206 -6.83 -53.59 -56.02
C GLY A 206 -6.19 -52.27 -56.38
N GLY A 207 -5.01 -52.03 -55.80
CA GLY A 207 -4.18 -50.88 -56.16
C GLY A 207 -2.76 -51.35 -56.37
N SER A 208 -1.82 -50.43 -56.59
CA SER A 208 -0.42 -50.83 -56.67
C SER A 208 0.09 -51.38 -55.35
N ARG A 209 -0.59 -51.09 -54.24
CA ARG A 209 -0.18 -51.53 -52.92
C ARG A 209 -1.27 -52.26 -52.15
N TYR A 210 -2.53 -52.00 -52.47
CA TYR A 210 -3.66 -52.65 -51.82
C TYR A 210 -4.16 -53.80 -52.69
N SER A 211 -4.53 -54.91 -52.06
CA SER A 211 -5.13 -56.04 -52.76
C SER A 211 -5.92 -56.86 -51.75
N LYS A 212 -7.23 -56.85 -51.84
CA LYS A 212 -8.03 -57.65 -50.93
C LYS A 212 -9.27 -58.16 -51.64
N LYS A 213 -9.63 -59.41 -51.36
CA LYS A 213 -10.85 -60.01 -51.89
C LYS A 213 -11.83 -60.21 -50.75
N PHE A 214 -13.06 -59.75 -50.95
CA PHE A 214 -14.10 -59.77 -49.93
C PHE A 214 -15.14 -60.82 -50.32
N LYS A 215 -15.65 -61.53 -49.32
CA LYS A 215 -16.65 -62.57 -49.55
C LYS A 215 -17.79 -62.26 -48.59
N PRO A 216 -19.00 -61.98 -49.08
CA PRO A 216 -20.13 -61.71 -48.17
C PRO A 216 -20.44 -62.90 -47.29
N GLU A 217 -20.83 -62.59 -46.05
CA GLU A 217 -21.12 -63.57 -45.01
C GLU A 217 -22.58 -63.40 -44.60
N ILE A 218 -23.42 -64.33 -45.01
CA ILE A 218 -24.86 -64.18 -44.91
C ILE A 218 -25.35 -64.96 -43.70
N ALA A 219 -26.02 -64.25 -42.79
CA ALA A 219 -26.59 -64.80 -41.57
C ALA A 219 -27.37 -63.70 -40.88
N ILE A 220 -28.27 -64.10 -39.99
CA ILE A 220 -29.11 -63.16 -39.26
C ILE A 220 -28.41 -62.75 -37.97
N ARG A 221 -28.07 -61.46 -37.85
CA ARG A 221 -27.49 -60.87 -36.65
C ARG A 221 -28.57 -60.20 -35.81
N PRO A 222 -28.33 -60.01 -34.51
CA PRO A 222 -29.31 -59.28 -33.69
C PRO A 222 -29.54 -57.89 -34.27
N LYS A 223 -30.80 -57.46 -34.27
CA LYS A 223 -31.18 -56.20 -34.89
C LYS A 223 -30.46 -55.04 -34.22
N VAL A 224 -29.81 -54.21 -35.04
CA VAL A 224 -29.24 -52.93 -34.61
C VAL A 224 -29.73 -51.89 -35.60
N ARG A 225 -30.47 -50.90 -35.12
CA ARG A 225 -31.16 -49.94 -35.98
C ARG A 225 -32.02 -50.66 -37.01
N ASP A 226 -32.71 -51.70 -36.56
CA ASP A 226 -33.66 -52.47 -37.35
C ASP A 226 -32.99 -53.18 -38.52
N GLN A 227 -31.69 -53.46 -38.43
CA GLN A 227 -30.97 -54.16 -39.47
C GLN A 227 -30.43 -55.47 -38.91
N GLU A 228 -30.79 -56.58 -39.55
CA GLU A 228 -30.24 -57.90 -39.25
C GLU A 228 -29.02 -58.23 -40.09
N GLY A 229 -28.78 -57.48 -41.16
CA GLY A 229 -27.52 -57.55 -41.87
C GLY A 229 -26.50 -56.57 -41.30
N ARG A 230 -25.31 -56.58 -41.90
CA ARG A 230 -24.19 -55.76 -41.47
C ARG A 230 -23.47 -55.24 -42.71
N MET A 231 -22.76 -54.13 -42.51
CA MET A 231 -22.00 -53.52 -43.59
C MET A 231 -20.65 -53.10 -43.05
N ASN A 232 -19.57 -53.57 -43.67
CA ASN A 232 -18.22 -53.24 -43.24
C ASN A 232 -17.67 -52.12 -44.11
N TYR A 233 -16.93 -51.20 -43.49
CA TYR A 233 -16.44 -50.02 -44.16
C TYR A 233 -14.92 -50.06 -44.27
N TYR A 234 -14.39 -49.71 -45.43
CA TYR A 234 -12.97 -49.83 -45.71
C TYR A 234 -12.46 -48.53 -46.32
N TRP A 235 -11.17 -48.29 -46.16
CA TRP A 235 -10.56 -47.10 -46.75
C TRP A 235 -9.15 -47.43 -47.21
N THR A 236 -8.67 -46.65 -48.18
CA THR A 236 -7.26 -46.72 -48.57
C THR A 236 -6.85 -45.37 -49.15
N LEU A 237 -5.55 -45.10 -49.10
CA LEU A 237 -4.98 -43.88 -49.67
C LEU A 237 -4.28 -44.22 -50.98
N VAL A 238 -4.74 -43.61 -52.07
CA VAL A 238 -4.18 -43.86 -53.40
C VAL A 238 -3.14 -42.80 -53.70
N GLU A 239 -1.91 -43.22 -53.91
CA GLU A 239 -0.82 -42.29 -54.18
C GLU A 239 -0.96 -41.69 -55.57
N PRO A 240 -0.37 -40.52 -55.80
CA PRO A 240 -0.49 -39.88 -57.13
C PRO A 240 0.03 -40.79 -58.23
N GLY A 241 -0.70 -40.80 -59.35
CA GLY A 241 -0.32 -41.59 -60.50
C GLY A 241 -0.69 -43.05 -60.43
N ASP A 242 -1.28 -43.51 -59.33
CA ASP A 242 -1.67 -44.91 -59.16
C ASP A 242 -3.13 -45.10 -59.53
N LYS A 243 -3.49 -46.36 -59.79
CA LYS A 243 -4.84 -46.77 -60.14
C LYS A 243 -5.43 -47.62 -59.03
N ILE A 244 -6.72 -47.40 -58.74
CA ILE A 244 -7.47 -48.27 -57.84
C ILE A 244 -8.60 -48.92 -58.65
N THR A 245 -8.69 -50.25 -58.58
CA THR A 245 -9.66 -51.02 -59.35
C THR A 245 -10.69 -51.64 -58.41
N PHE A 246 -11.96 -51.53 -58.78
CA PHE A 246 -13.08 -52.19 -58.10
C PHE A 246 -13.65 -53.25 -59.02
N GLU A 247 -13.94 -54.43 -58.46
CA GLU A 247 -14.56 -55.53 -59.20
C GLU A 247 -15.55 -56.24 -58.28
N ALA A 248 -16.75 -56.51 -58.79
CA ALA A 248 -17.75 -57.15 -57.94
C ALA A 248 -18.81 -57.85 -58.80
N THR A 249 -19.36 -58.92 -58.26
CA THR A 249 -20.62 -59.49 -58.74
C THR A 249 -21.76 -59.22 -57.75
N GLY A 250 -21.51 -58.40 -56.74
CA GLY A 250 -22.53 -57.98 -55.80
C GLY A 250 -21.91 -57.44 -54.53
N ASN A 251 -22.77 -56.90 -53.67
CA ASN A 251 -22.45 -56.60 -52.27
C ASN A 251 -21.42 -55.49 -52.13
N LEU A 252 -21.21 -54.68 -53.16
CA LEU A 252 -20.22 -53.61 -53.15
C LEU A 252 -20.93 -52.27 -52.98
N VAL A 253 -20.56 -51.53 -51.95
CA VAL A 253 -21.06 -50.18 -51.73
C VAL A 253 -20.00 -49.24 -52.29
N VAL A 254 -20.19 -48.82 -53.53
CA VAL A 254 -19.13 -48.18 -54.31
C VAL A 254 -18.83 -46.77 -53.77
N PRO A 255 -17.63 -46.26 -53.99
CA PRO A 255 -17.38 -44.85 -53.73
C PRO A 255 -18.14 -43.97 -54.72
N ARG A 256 -18.61 -42.83 -54.22
CA ARG A 256 -19.08 -41.77 -55.09
C ARG A 256 -18.22 -40.52 -54.97
N TYR A 257 -17.93 -40.08 -53.75
CA TYR A 257 -17.05 -38.94 -53.52
C TYR A 257 -15.78 -39.42 -52.82
N ALA A 258 -14.63 -39.09 -53.40
CA ALA A 258 -13.34 -39.33 -52.80
C ALA A 258 -12.73 -37.98 -52.37
N PHE A 259 -11.59 -38.04 -51.68
CA PHE A 259 -11.01 -36.85 -51.05
C PHE A 259 -9.54 -36.72 -51.41
N ALA A 260 -9.21 -35.70 -52.19
CA ALA A 260 -7.81 -35.34 -52.42
C ALA A 260 -7.31 -34.54 -51.24
N MET A 261 -6.19 -34.97 -50.66
CA MET A 261 -5.74 -34.40 -49.41
C MET A 261 -4.23 -34.48 -49.32
N GLU A 262 -3.67 -33.63 -48.45
CA GLU A 262 -2.26 -33.68 -48.11
C GLU A 262 -2.16 -33.71 -46.59
N ARG A 263 -1.61 -34.79 -46.05
CA ARG A 263 -1.48 -34.92 -44.60
C ARG A 263 -0.42 -33.96 -44.08
N ASN A 264 -0.62 -33.54 -42.82
CA ASN A 264 0.36 -32.78 -42.06
C ASN A 264 1.11 -33.71 -41.12
N ALA A 265 2.06 -33.14 -40.38
CA ALA A 265 2.53 -33.80 -39.18
C ALA A 265 1.35 -33.92 -38.22
N GLY A 266 1.09 -35.13 -37.75
CA GLY A 266 -0.15 -35.42 -37.05
C GLY A 266 -0.45 -34.51 -35.87
N SER A 267 -1.66 -33.96 -35.87
CA SER A 267 -2.27 -33.32 -34.72
C SER A 267 -3.05 -34.39 -33.97
N GLY A 268 -4.00 -34.00 -33.12
CA GLY A 268 -4.84 -34.96 -32.45
C GLY A 268 -6.31 -34.62 -32.54
N ILE A 269 -7.13 -35.25 -31.70
CA ILE A 269 -8.57 -35.08 -31.71
C ILE A 269 -9.02 -34.74 -30.31
N ILE A 270 -9.80 -33.68 -30.16
CA ILE A 270 -10.31 -33.25 -28.87
C ILE A 270 -11.79 -33.54 -28.82
N ILE A 271 -12.21 -34.29 -27.81
CA ILE A 271 -13.61 -34.60 -27.58
C ILE A 271 -14.06 -33.74 -26.41
N SER A 272 -14.80 -32.67 -26.69
CA SER A 272 -15.16 -31.72 -25.65
C SER A 272 -16.38 -30.91 -26.09
N ASP A 273 -17.10 -30.40 -25.09
CA ASP A 273 -18.22 -29.50 -25.30
C ASP A 273 -17.82 -28.03 -25.31
N THR A 274 -16.53 -27.73 -25.13
CA THR A 274 -16.07 -26.35 -25.12
C THR A 274 -16.33 -25.71 -26.47
N PRO A 275 -16.91 -24.51 -26.51
CA PRO A 275 -17.22 -23.88 -27.81
C PRO A 275 -15.97 -23.44 -28.55
N VAL A 276 -16.17 -23.15 -29.83
CA VAL A 276 -15.10 -22.73 -30.74
C VAL A 276 -15.27 -21.24 -31.03
N HIS A 277 -14.20 -20.48 -30.84
CA HIS A 277 -14.23 -19.04 -31.07
C HIS A 277 -13.08 -18.67 -32.02
N ASP A 278 -13.04 -17.39 -32.38
CA ASP A 278 -12.00 -16.89 -33.28
C ASP A 278 -10.78 -16.36 -32.51
N CYS A 279 -10.23 -17.19 -31.60
CA CYS A 279 -8.98 -16.94 -30.89
C CYS A 279 -7.87 -17.75 -31.54
N ASN A 280 -6.63 -17.30 -31.41
CA ASN A 280 -5.56 -18.09 -32.05
C ASN A 280 -5.01 -19.22 -31.19
N THR A 281 -4.27 -18.89 -30.12
CA THR A 281 -3.57 -19.84 -29.22
C THR A 281 -2.46 -20.65 -29.88
N THR A 282 -1.50 -21.09 -29.05
CA THR A 282 -0.41 -21.99 -29.41
C THR A 282 -0.43 -23.28 -28.61
N CYS A 283 -1.31 -23.39 -27.61
CA CYS A 283 -1.48 -24.62 -26.84
C CYS A 283 -2.97 -24.77 -26.54
N GLN A 284 -3.54 -25.90 -26.94
CA GLN A 284 -4.96 -26.17 -26.80
C GLN A 284 -5.19 -27.37 -25.89
N THR A 285 -6.21 -27.27 -25.03
CA THR A 285 -6.67 -28.35 -24.17
C THR A 285 -8.17 -28.51 -24.36
N PRO A 286 -8.73 -29.65 -23.99
CA PRO A 286 -10.20 -29.80 -24.07
C PRO A 286 -10.96 -28.78 -23.22
N LYS A 287 -10.38 -28.33 -22.10
CA LYS A 287 -11.03 -27.30 -21.28
C LYS A 287 -10.94 -25.93 -21.94
N GLY A 288 -9.82 -25.64 -22.60
CA GLY A 288 -9.63 -24.35 -23.21
C GLY A 288 -8.18 -24.15 -23.60
N ALA A 289 -7.91 -22.99 -24.18
CA ALA A 289 -6.59 -22.72 -24.71
C ALA A 289 -5.69 -22.08 -23.65
N ILE A 290 -4.39 -22.24 -23.85
CA ILE A 290 -3.39 -21.84 -22.87
C ILE A 290 -2.42 -20.87 -23.52
N ASN A 291 -2.27 -19.69 -22.93
CA ASN A 291 -1.34 -18.68 -23.41
C ASN A 291 -0.35 -18.43 -22.29
N THR A 292 0.80 -19.10 -22.34
CA THR A 292 1.78 -18.89 -21.29
C THR A 292 3.18 -19.25 -21.77
N SER A 293 4.18 -18.58 -21.19
CA SER A 293 5.56 -18.99 -21.33
C SER A 293 6.03 -19.87 -20.18
N LEU A 294 5.21 -20.02 -19.13
CA LEU A 294 5.59 -20.82 -17.98
C LEU A 294 5.80 -22.28 -18.36
N PRO A 295 6.75 -22.96 -17.71
CA PRO A 295 7.09 -24.33 -18.11
C PRO A 295 6.13 -25.41 -17.63
N PHE A 296 5.16 -25.08 -16.77
CA PHE A 296 4.28 -26.10 -16.21
C PHE A 296 2.83 -25.61 -16.22
N GLN A 297 1.92 -26.58 -16.30
CA GLN A 297 0.48 -26.34 -16.32
C GLN A 297 -0.21 -27.48 -15.59
N ASN A 298 -1.40 -27.20 -15.06
CA ASN A 298 -2.18 -28.21 -14.34
C ASN A 298 -3.63 -28.22 -14.81
N ILE A 299 -3.87 -27.78 -16.04
CA ILE A 299 -5.22 -27.70 -16.58
C ILE A 299 -5.67 -29.02 -17.17
N HIS A 300 -4.86 -29.63 -18.04
CA HIS A 300 -5.23 -30.89 -18.66
C HIS A 300 -4.00 -31.64 -19.15
N PRO A 301 -3.88 -32.94 -18.85
CA PRO A 301 -2.72 -33.70 -19.37
C PRO A 301 -2.75 -33.91 -20.88
N ILE A 302 -3.92 -33.88 -21.52
CA ILE A 302 -4.04 -34.14 -22.94
C ILE A 302 -4.12 -32.80 -23.66
N THR A 303 -3.04 -32.41 -24.32
CA THR A 303 -2.95 -31.11 -24.99
C THR A 303 -2.41 -31.29 -26.39
N ILE A 304 -2.64 -30.28 -27.23
CA ILE A 304 -2.13 -30.25 -28.59
C ILE A 304 -1.37 -28.95 -28.80
N GLY A 305 -0.15 -29.05 -29.32
CA GLY A 305 0.65 -27.88 -29.64
C GLY A 305 1.92 -27.83 -28.83
N LYS A 306 2.54 -26.64 -28.80
CA LYS A 306 3.72 -26.43 -27.97
C LYS A 306 3.24 -26.03 -26.58
N CYS A 307 3.31 -26.96 -25.64
CA CYS A 307 2.60 -26.82 -24.38
C CYS A 307 3.53 -26.99 -23.20
N PRO A 308 3.21 -26.37 -22.06
CA PRO A 308 3.95 -26.66 -20.84
C PRO A 308 3.72 -28.08 -20.38
N LYS A 309 4.67 -28.61 -19.63
CA LYS A 309 4.50 -29.95 -19.08
C LYS A 309 3.37 -29.95 -18.07
N TYR A 310 2.59 -31.02 -18.09
CA TYR A 310 1.47 -31.14 -17.17
C TYR A 310 1.95 -31.67 -15.84
N VAL A 311 1.49 -31.05 -14.75
CA VAL A 311 1.84 -31.47 -13.40
C VAL A 311 0.57 -31.47 -12.56
N LYS A 312 0.63 -32.25 -11.48
CA LYS A 312 -0.45 -32.33 -10.50
C LYS A 312 -0.39 -31.21 -9.46
N SER A 313 0.61 -30.33 -9.56
CA SER A 313 0.81 -29.26 -8.59
C SER A 313 -0.36 -28.28 -8.57
N THR A 314 -0.72 -27.86 -7.37
CA THR A 314 -1.68 -26.78 -7.20
C THR A 314 -1.01 -25.41 -7.07
N LYS A 315 0.27 -25.36 -6.76
CA LYS A 315 0.96 -24.09 -6.55
C LYS A 315 2.45 -24.27 -6.74
N LEU A 316 3.04 -23.52 -7.68
CA LEU A 316 4.50 -23.49 -7.86
C LEU A 316 4.94 -22.02 -7.79
N ARG A 317 5.16 -21.54 -6.57
CA ARG A 317 5.51 -20.15 -6.33
C ARG A 317 7.02 -20.04 -6.12
N LEU A 318 7.69 -19.31 -7.00
CA LEU A 318 9.13 -19.14 -6.95
C LEU A 318 9.46 -17.79 -6.30
N ALA A 319 10.28 -17.83 -5.24
CA ALA A 319 10.68 -16.61 -4.56
C ALA A 319 11.65 -15.81 -5.40
N THR A 320 11.43 -14.51 -5.49
CA THR A 320 12.36 -13.61 -6.14
C THR A 320 12.87 -12.53 -5.20
N GLY A 321 12.01 -12.01 -4.33
CA GLY A 321 12.41 -11.01 -3.36
C GLY A 321 12.95 -11.65 -2.10
N LEU A 322 13.03 -10.85 -1.06
CA LEU A 322 13.58 -11.24 0.22
C LEU A 322 12.48 -11.76 1.13
N ARG A 323 12.89 -12.45 2.20
CA ARG A 323 11.99 -12.72 3.30
C ARG A 323 11.44 -11.40 3.84
N ASN A 324 10.11 -11.31 3.94
CA ASN A 324 9.44 -10.05 4.27
C ASN A 324 9.33 -9.93 5.79
N ILE A 325 10.05 -8.96 6.36
CA ILE A 325 10.04 -8.75 7.81
C ILE A 325 9.76 -7.28 8.12
N PRO A 326 8.53 -6.81 7.98
CA PRO A 326 8.20 -5.45 8.43
C PRO A 326 8.05 -5.38 9.94
N SER A 327 8.21 -4.16 10.46
CA SER A 327 8.15 -3.90 11.90
C SER A 327 9.10 -4.80 12.70
N GLY B 1 18.80 -17.82 9.09
CA GLY B 1 19.40 -17.63 7.78
C GLY B 1 20.77 -18.25 7.67
N LEU B 2 21.17 -18.60 6.44
CA LEU B 2 22.42 -19.30 6.25
C LEU B 2 23.62 -18.40 6.51
N PHE B 3 23.46 -17.09 6.32
CA PHE B 3 24.57 -16.17 6.50
C PHE B 3 24.44 -15.25 7.70
N GLY B 4 23.33 -15.28 8.42
CA GLY B 4 23.21 -14.61 9.69
C GLY B 4 22.77 -13.15 9.64
N ALA B 5 22.70 -12.54 8.46
CA ALA B 5 22.30 -11.13 8.39
C ALA B 5 20.79 -10.97 8.45
N ILE B 6 20.08 -11.48 7.44
CA ILE B 6 18.62 -11.32 7.40
C ILE B 6 18.01 -12.16 8.51
N ALA B 7 17.04 -11.58 9.22
CA ALA B 7 16.44 -12.20 10.41
C ALA B 7 17.51 -12.63 11.41
N GLY B 8 18.70 -12.05 11.30
CA GLY B 8 19.78 -12.35 12.22
C GLY B 8 20.21 -11.10 12.94
N PHE B 9 21.48 -10.71 12.82
CA PHE B 9 21.96 -9.52 13.52
C PHE B 9 21.38 -8.24 12.94
N ILE B 10 20.78 -8.28 11.76
CA ILE B 10 19.90 -7.23 11.27
C ILE B 10 18.48 -7.79 11.39
N GLU B 11 17.74 -7.35 12.41
CA GLU B 11 16.56 -8.10 12.83
C GLU B 11 15.42 -8.01 11.82
N GLY B 12 15.20 -6.83 11.22
CA GLY B 12 14.01 -6.62 10.42
C GLY B 12 14.32 -5.84 9.15
N GLY B 13 13.31 -5.78 8.28
CA GLY B 13 13.40 -5.01 7.05
C GLY B 13 12.80 -3.61 7.20
N TRP B 14 13.08 -2.78 6.18
CA TRP B 14 12.69 -1.38 6.19
C TRP B 14 11.60 -1.14 5.16
N THR B 15 10.37 -0.94 5.62
CA THR B 15 9.33 -0.42 4.74
C THR B 15 9.63 0.99 4.26
N GLY B 16 10.39 1.78 5.03
CA GLY B 16 10.71 3.14 4.62
C GLY B 16 11.61 3.22 3.40
N MET B 17 12.53 2.26 3.25
CA MET B 17 13.32 2.17 2.04
C MET B 17 12.51 1.45 0.96
N VAL B 18 12.16 2.17 -0.09
CA VAL B 18 11.24 1.66 -1.11
C VAL B 18 11.87 1.52 -2.49
N ASP B 19 13.06 2.10 -2.70
CA ASP B 19 13.68 2.16 -4.02
C ASP B 19 14.69 1.05 -4.26
N GLY B 20 14.86 0.11 -3.34
CA GLY B 20 15.90 -0.88 -3.52
C GLY B 20 15.72 -2.03 -2.55
N TRP B 21 16.48 -3.10 -2.82
CA TRP B 21 16.40 -4.30 -1.98
C TRP B 21 17.34 -4.21 -0.80
N TYR B 22 18.55 -3.72 -1.01
CA TYR B 22 19.53 -3.49 0.06
C TYR B 22 19.99 -2.05 0.02
N GLY B 23 20.10 -1.43 1.17
CA GLY B 23 20.49 -0.04 1.25
C GLY B 23 20.97 0.42 2.60
N TYR B 24 20.81 1.72 2.82
CA TYR B 24 21.36 2.40 3.99
C TYR B 24 20.31 3.29 4.62
N HIS B 25 20.42 3.44 5.93
CA HIS B 25 19.85 4.56 6.65
C HIS B 25 21.02 5.38 7.19
N HIS B 26 20.93 6.70 7.08
CA HIS B 26 21.98 7.60 7.53
C HIS B 26 21.35 8.69 8.38
N GLN B 27 22.17 9.28 9.24
CA GLN B 27 21.75 10.42 10.05
C GLN B 27 22.98 11.24 10.38
N ASN B 28 23.00 12.50 9.94
CA ASN B 28 24.08 13.42 10.26
C ASN B 28 23.45 14.77 10.58
N GLU B 29 24.31 15.80 10.69
CA GLU B 29 23.80 17.13 11.03
C GLU B 29 22.89 17.69 9.94
N GLN B 30 23.02 17.21 8.71
CA GLN B 30 22.21 17.68 7.60
C GLN B 30 20.85 17.00 7.51
N GLY B 31 20.60 15.97 8.31
CA GLY B 31 19.31 15.29 8.31
C GLY B 31 19.48 13.78 8.28
N SER B 32 18.40 13.08 7.96
CA SER B 32 18.40 11.63 7.91
C SER B 32 17.55 11.16 6.74
N GLY B 33 17.58 9.87 6.49
CA GLY B 33 16.72 9.27 5.49
C GLY B 33 17.23 7.93 5.04
N TYR B 34 16.42 7.27 4.22
CA TYR B 34 16.76 5.98 3.64
C TYR B 34 17.36 6.17 2.24
N ALA B 35 18.34 5.34 1.91
CA ALA B 35 18.81 5.25 0.53
C ALA B 35 19.21 3.81 0.24
N ALA B 36 19.12 3.44 -1.04
CA ALA B 36 19.39 2.09 -1.50
C ALA B 36 20.74 2.03 -2.21
N ASP B 37 21.53 1.00 -1.89
CA ASP B 37 22.79 0.77 -2.60
C ASP B 37 22.45 0.22 -3.97
N LEU B 38 22.59 1.08 -4.99
CA LEU B 38 22.12 0.71 -6.32
C LEU B 38 22.92 -0.44 -6.91
N LYS B 39 24.23 -0.45 -6.71
CA LYS B 39 25.06 -1.48 -7.31
C LYS B 39 24.66 -2.88 -6.81
N SER B 40 24.56 -3.05 -5.49
CA SER B 40 24.21 -4.37 -4.96
C SER B 40 22.80 -4.77 -5.35
N THR B 41 21.87 -3.81 -5.37
CA THR B 41 20.49 -4.13 -5.75
C THR B 41 20.41 -4.56 -7.22
N GLN B 42 21.00 -3.77 -8.12
CA GLN B 42 20.94 -4.09 -9.54
C GLN B 42 21.64 -5.40 -9.85
N ASN B 43 22.77 -5.67 -9.18
CA ASN B 43 23.43 -6.97 -9.36
C ASN B 43 22.53 -8.11 -8.91
N ALA B 44 21.83 -7.95 -7.78
CA ALA B 44 20.94 -9.00 -7.31
C ALA B 44 19.71 -9.14 -8.21
N ILE B 45 19.19 -8.02 -8.71
CA ILE B 45 18.04 -8.07 -9.60
C ILE B 45 18.42 -8.72 -10.93
N ASP B 46 19.60 -8.40 -11.45
CA ASP B 46 20.10 -9.09 -12.63
C ASP B 46 20.28 -10.58 -12.36
N GLY B 47 20.82 -10.93 -11.18
CA GLY B 47 21.03 -12.34 -10.88
C GLY B 47 19.73 -13.12 -10.78
N ILE B 48 18.75 -12.58 -10.06
CA ILE B 48 17.48 -13.28 -9.88
C ILE B 48 16.72 -13.35 -11.20
N THR B 49 16.78 -12.28 -12.01
CA THR B 49 16.13 -12.30 -13.31
C THR B 49 16.71 -13.39 -14.20
N ASN B 50 18.04 -13.53 -14.18
CA ASN B 50 18.67 -14.61 -14.93
C ASN B 50 18.24 -15.97 -14.39
N LYS B 51 18.10 -16.09 -13.07
CA LYS B 51 17.66 -17.35 -12.47
C LYS B 51 16.26 -17.74 -12.93
N VAL B 52 15.34 -16.78 -12.93
CA VAL B 52 13.96 -17.08 -13.31
C VAL B 52 13.88 -17.44 -14.79
N ASN B 53 14.56 -16.67 -15.64
CA ASN B 53 14.61 -16.96 -17.07
C ASN B 53 15.27 -18.31 -17.34
N SER B 54 16.31 -18.65 -16.58
CA SER B 54 16.94 -19.95 -16.76
C SER B 54 15.96 -21.08 -16.46
N VAL B 55 15.16 -20.94 -15.40
CA VAL B 55 14.20 -21.98 -15.04
C VAL B 55 13.12 -22.10 -16.11
N ILE B 56 12.74 -20.99 -16.72
CA ILE B 56 11.62 -20.95 -17.66
C ILE B 56 12.08 -21.31 -19.08
N GLU B 57 13.14 -20.65 -19.55
CA GLU B 57 13.53 -20.75 -20.96
C GLU B 57 14.27 -22.04 -21.29
N LYS B 58 14.80 -22.76 -20.29
CA LYS B 58 15.44 -24.03 -20.63
C LYS B 58 14.43 -25.09 -21.02
N MET B 59 13.15 -24.87 -20.73
CA MET B 59 12.06 -25.74 -21.16
C MET B 59 11.63 -25.28 -22.55
N ASN B 60 12.09 -25.99 -23.58
CA ASN B 60 11.72 -25.70 -24.96
C ASN B 60 11.08 -26.94 -25.57
N THR B 61 9.77 -26.92 -25.74
CA THR B 61 9.04 -28.06 -26.25
C THR B 61 8.68 -27.87 -27.72
N GLN B 62 8.38 -28.98 -28.38
CA GLN B 62 7.97 -28.97 -29.76
C GLN B 62 6.46 -29.18 -29.86
N PHE B 63 5.94 -29.13 -31.09
CA PHE B 63 4.54 -29.44 -31.31
C PHE B 63 4.28 -30.92 -31.08
N THR B 64 3.19 -31.22 -30.38
CA THR B 64 2.94 -32.56 -29.89
C THR B 64 1.46 -32.68 -29.58
N ALA B 65 0.91 -33.87 -29.80
CA ALA B 65 -0.47 -34.19 -29.46
C ALA B 65 -0.44 -35.38 -28.53
N VAL B 66 -0.80 -35.15 -27.26
CA VAL B 66 -0.62 -36.20 -26.27
C VAL B 66 -1.62 -37.33 -26.47
N GLY B 67 -2.81 -37.01 -26.98
CA GLY B 67 -3.89 -37.97 -27.00
C GLY B 67 -3.62 -39.14 -27.93
N LYS B 68 -4.18 -40.29 -27.56
CA LYS B 68 -4.15 -41.50 -28.36
C LYS B 68 -5.49 -42.21 -28.20
N GLU B 69 -5.91 -42.92 -29.25
CA GLU B 69 -7.20 -43.60 -29.27
C GLU B 69 -7.01 -45.08 -29.59
N PHE B 70 -7.60 -45.95 -28.77
CA PHE B 70 -7.47 -47.38 -28.91
C PHE B 70 -8.85 -48.03 -28.83
N ASN B 71 -9.05 -49.10 -29.60
CA ASN B 71 -10.34 -49.78 -29.56
C ASN B 71 -10.37 -50.79 -28.41
N HIS B 72 -11.50 -51.49 -28.28
CA HIS B 72 -11.75 -52.35 -27.13
C HIS B 72 -10.84 -53.57 -27.09
N LEU B 73 -10.22 -53.92 -28.22
CA LEU B 73 -9.25 -55.02 -28.26
C LEU B 73 -7.82 -54.51 -28.22
N GLU B 74 -7.61 -53.28 -27.78
CA GLU B 74 -6.28 -52.69 -27.67
C GLU B 74 -6.03 -52.19 -26.25
N LYS B 75 -6.47 -52.95 -25.25
CA LYS B 75 -6.36 -52.49 -23.87
C LYS B 75 -4.91 -52.43 -23.41
N ARG B 76 -4.08 -53.38 -23.85
CA ARG B 76 -2.69 -53.42 -23.40
C ARG B 76 -1.91 -52.20 -23.86
N ILE B 77 -2.02 -51.84 -25.14
CA ILE B 77 -1.32 -50.64 -25.59
C ILE B 77 -1.94 -49.38 -25.02
N GLU B 78 -3.25 -49.41 -24.78
CA GLU B 78 -3.88 -48.28 -24.07
C GLU B 78 -3.25 -48.09 -22.69
N ASN B 79 -3.09 -49.18 -21.94
CA ASN B 79 -2.44 -49.09 -20.64
C ASN B 79 -0.96 -48.71 -20.78
N LEU B 80 -0.28 -49.19 -21.83
CA LEU B 80 1.09 -48.76 -22.06
C LEU B 80 1.14 -47.25 -22.28
N ASN B 81 0.21 -46.71 -23.08
CA ASN B 81 0.11 -45.27 -23.27
C ASN B 81 -0.12 -44.56 -21.94
N LYS B 82 -1.01 -45.12 -21.10
CA LYS B 82 -1.29 -44.50 -19.82
C LYS B 82 -0.04 -44.50 -18.94
N LYS B 83 0.72 -45.59 -18.96
CA LYS B 83 1.94 -45.65 -18.16
C LYS B 83 2.93 -44.55 -18.58
N VAL B 84 3.04 -44.31 -19.89
CA VAL B 84 3.92 -43.26 -20.39
C VAL B 84 3.45 -41.89 -19.89
N ASP B 85 2.17 -41.59 -20.06
CA ASP B 85 1.64 -40.30 -19.60
C ASP B 85 1.78 -40.17 -18.09
N ASP B 86 1.52 -41.25 -17.36
CA ASP B 86 1.62 -41.20 -15.90
C ASP B 86 3.07 -41.06 -15.45
N GLY B 87 3.98 -41.82 -16.06
CA GLY B 87 5.37 -41.73 -15.68
C GLY B 87 5.94 -40.34 -15.91
N PHE B 88 5.62 -39.73 -17.05
CA PHE B 88 6.05 -38.37 -17.31
C PHE B 88 5.42 -37.40 -16.30
N LEU B 89 4.15 -37.64 -15.95
CA LEU B 89 3.49 -36.80 -14.96
C LEU B 89 4.18 -36.90 -13.60
N ASP B 90 4.53 -38.11 -13.18
CA ASP B 90 5.21 -38.28 -11.89
C ASP B 90 6.60 -37.63 -11.91
N ILE B 91 7.34 -37.82 -13.00
CA ILE B 91 8.70 -37.25 -13.07
C ILE B 91 8.65 -35.73 -13.04
N TRP B 92 7.78 -35.13 -13.85
CA TRP B 92 7.73 -33.68 -13.92
C TRP B 92 7.19 -33.08 -12.62
N THR B 93 6.16 -33.70 -12.03
CA THR B 93 5.60 -33.15 -10.80
C THR B 93 6.62 -33.14 -9.67
N TYR B 94 7.27 -34.29 -9.43
CA TYR B 94 8.26 -34.38 -8.37
C TYR B 94 9.42 -33.43 -8.61
N ASN B 95 9.94 -33.40 -9.84
CA ASN B 95 11.06 -32.52 -10.14
C ASN B 95 10.66 -31.06 -10.01
N ALA B 96 9.48 -30.68 -10.49
CA ALA B 96 9.05 -29.30 -10.36
C ALA B 96 8.90 -28.91 -8.89
N GLU B 97 8.30 -29.79 -8.08
CA GLU B 97 8.08 -29.46 -6.68
C GLU B 97 9.40 -29.25 -5.94
N LEU B 98 10.37 -30.14 -6.16
CA LEU B 98 11.65 -30.04 -5.47
C LEU B 98 12.50 -28.90 -6.00
N LEU B 99 12.42 -28.63 -7.31
CA LEU B 99 13.18 -27.51 -7.86
C LEU B 99 12.75 -26.19 -7.22
N VAL B 100 11.46 -25.98 -7.06
CA VAL B 100 10.99 -24.75 -6.42
C VAL B 100 11.37 -24.72 -4.95
N LEU B 101 11.24 -25.85 -4.26
CA LEU B 101 11.61 -25.90 -2.85
C LEU B 101 13.09 -25.58 -2.66
N LEU B 102 13.96 -26.24 -3.43
CA LEU B 102 15.39 -26.07 -3.24
C LEU B 102 15.85 -24.70 -3.68
N GLU B 103 15.35 -24.21 -4.81
CA GLU B 103 15.84 -22.93 -5.31
C GLU B 103 15.26 -21.75 -4.55
N ASN B 104 14.08 -21.89 -3.97
CA ASN B 104 13.58 -20.86 -3.07
C ASN B 104 14.51 -20.69 -1.88
N GLU B 105 14.97 -21.81 -1.31
CA GLU B 105 15.92 -21.72 -0.20
C GLU B 105 17.20 -21.04 -0.64
N ARG B 106 17.71 -21.39 -1.83
CA ARG B 106 18.91 -20.76 -2.34
C ARG B 106 18.70 -19.26 -2.54
N THR B 107 17.52 -18.85 -3.01
CA THR B 107 17.26 -17.44 -3.25
C THR B 107 17.30 -16.63 -1.96
N LEU B 108 16.67 -17.13 -0.89
CA LEU B 108 16.69 -16.39 0.37
C LEU B 108 18.09 -16.34 0.96
N ASP B 109 18.85 -17.44 0.86
CA ASP B 109 20.26 -17.40 1.25
C ASP B 109 21.04 -16.40 0.40
N TYR B 110 20.69 -16.27 -0.88
CA TYR B 110 21.38 -15.30 -1.72
C TYR B 110 21.19 -13.88 -1.20
N HIS B 111 19.96 -13.53 -0.83
CA HIS B 111 19.71 -12.21 -0.27
C HIS B 111 20.44 -12.04 1.05
N ASP B 112 20.44 -13.09 1.87
CA ASP B 112 21.17 -13.06 3.14
C ASP B 112 22.66 -12.81 2.91
N SER B 113 23.24 -13.48 1.91
CA SER B 113 24.65 -13.29 1.59
C SER B 113 24.91 -11.86 1.12
N ASN B 114 24.02 -11.32 0.28
CA ASN B 114 24.24 -9.98 -0.26
C ASN B 114 24.23 -8.93 0.85
N VAL B 115 23.38 -9.12 1.85
CA VAL B 115 23.32 -8.17 2.97
C VAL B 115 24.58 -8.26 3.80
N LYS B 116 25.01 -9.48 4.12
CA LYS B 116 26.23 -9.66 4.91
C LYS B 116 27.44 -9.04 4.22
N ASN B 117 27.59 -9.27 2.92
CA ASN B 117 28.72 -8.68 2.20
C ASN B 117 28.66 -7.16 2.22
N LEU B 118 27.44 -6.61 2.13
CA LEU B 118 27.29 -5.15 2.17
C LEU B 118 27.68 -4.60 3.53
N TYR B 119 27.23 -5.25 4.60
CA TYR B 119 27.64 -4.84 5.94
C TYR B 119 29.15 -4.97 6.11
N GLU B 120 29.72 -6.09 5.66
CA GLU B 120 31.15 -6.30 5.84
C GLU B 120 31.98 -5.34 5.00
N LYS B 121 31.48 -4.94 3.82
CA LYS B 121 32.22 -3.97 3.02
C LYS B 121 32.37 -2.65 3.75
N VAL B 122 31.30 -2.21 4.43
CA VAL B 122 31.36 -0.98 5.18
C VAL B 122 32.25 -1.12 6.41
N ARG B 123 32.08 -2.22 7.16
CA ARG B 123 32.87 -2.44 8.37
C ARG B 123 34.37 -2.46 8.05
N SER B 124 34.76 -3.13 6.97
CA SER B 124 36.15 -3.14 6.56
C SER B 124 36.62 -1.78 6.08
N GLN B 125 35.70 -0.90 5.68
CA GLN B 125 36.10 0.43 5.27
C GLN B 125 36.33 1.34 6.48
N LEU B 126 35.40 1.33 7.44
CA LEU B 126 35.44 2.28 8.55
C LEU B 126 36.47 1.88 9.61
N LYS B 127 36.64 0.57 9.83
CA LYS B 127 37.60 0.01 10.80
C LYS B 127 37.30 0.63 12.16
N ASN B 128 38.26 1.27 12.84
CA ASN B 128 38.03 1.81 14.17
C ASN B 128 37.52 3.24 14.18
N ASN B 129 37.36 3.87 13.01
CA ASN B 129 36.77 5.20 12.92
C ASN B 129 35.28 5.21 13.27
N ALA B 130 34.65 4.04 13.40
CA ALA B 130 33.27 3.96 13.85
C ALA B 130 33.12 2.77 14.77
N LYS B 131 32.03 2.77 15.54
CA LYS B 131 31.70 1.70 16.47
C LYS B 131 30.57 0.84 15.90
N GLU B 132 30.69 -0.49 16.05
CA GLU B 132 29.64 -1.43 15.68
C GLU B 132 28.63 -1.53 16.81
N ILE B 133 27.50 -0.84 16.67
CA ILE B 133 26.51 -0.74 17.74
C ILE B 133 25.37 -1.74 17.57
N GLY B 134 25.49 -2.69 16.64
CA GLY B 134 24.49 -3.72 16.46
C GLY B 134 23.42 -3.33 15.45
N ASN B 135 22.64 -4.35 15.06
CA ASN B 135 21.53 -4.17 14.12
C ASN B 135 21.99 -3.62 12.78
N GLY B 136 23.24 -3.87 12.40
CA GLY B 136 23.76 -3.33 11.16
C GLY B 136 24.05 -1.85 11.14
N CYS B 137 24.26 -1.23 12.30
CA CYS B 137 24.44 0.22 12.36
C CYS B 137 25.86 0.58 12.80
N PHE B 138 26.40 1.63 12.21
CA PHE B 138 27.72 2.14 12.57
C PHE B 138 27.58 3.55 13.13
N GLU B 139 28.18 3.79 14.30
CA GLU B 139 28.18 5.09 14.93
C GLU B 139 29.59 5.66 14.83
N PHE B 140 29.71 6.80 14.16
CA PHE B 140 31.02 7.34 13.80
C PHE B 140 31.70 8.03 14.97
N TYR B 141 33.02 7.92 15.03
CA TYR B 141 33.82 8.67 15.97
C TYR B 141 34.24 10.04 15.44
N HIS B 142 33.89 10.34 14.19
CA HIS B 142 34.12 11.64 13.58
C HIS B 142 32.89 12.05 12.80
N LYS B 143 32.68 13.35 12.65
CA LYS B 143 31.54 13.84 11.88
C LYS B 143 31.65 13.38 10.43
N CYS B 144 30.57 12.83 9.90
CA CYS B 144 30.53 12.32 8.53
C CYS B 144 29.37 12.98 7.80
N ASP B 145 29.68 14.01 7.01
CA ASP B 145 28.66 14.79 6.33
C ASP B 145 28.08 13.97 5.17
N ASN B 146 27.23 14.61 4.36
CA ASN B 146 26.62 13.92 3.23
C ASN B 146 27.67 13.43 2.25
N THR B 147 28.68 14.27 1.96
CA THR B 147 29.76 13.85 1.07
C THR B 147 30.49 12.64 1.63
N CYS B 148 30.82 12.67 2.92
CA CYS B 148 31.48 11.53 3.55
C CYS B 148 30.57 10.29 3.51
N MET B 149 29.27 10.47 3.74
CA MET B 149 28.34 9.35 3.70
C MET B 149 28.34 8.70 2.32
N GLU B 150 28.29 9.51 1.27
CA GLU B 150 28.31 8.97 -0.08
C GLU B 150 29.61 8.24 -0.39
N SER B 151 30.72 8.69 0.18
CA SER B 151 31.98 7.99 -0.04
C SER B 151 31.94 6.58 0.54
N VAL B 152 31.30 6.42 1.69
CA VAL B 152 31.16 5.09 2.27
C VAL B 152 30.32 4.20 1.37
N LYS B 153 29.19 4.74 0.87
CA LYS B 153 28.32 3.99 -0.02
C LYS B 153 28.99 3.71 -1.36
N ASN B 154 29.85 4.62 -1.83
CA ASN B 154 30.57 4.48 -3.08
C ASN B 154 31.83 3.62 -2.94
N GLY B 155 32.13 3.13 -1.74
CA GLY B 155 33.36 2.38 -1.52
C GLY B 155 34.61 3.19 -1.69
N THR B 156 34.60 4.46 -1.31
CA THR B 156 35.74 5.35 -1.45
C THR B 156 35.99 6.13 -0.15
N TYR B 157 35.67 5.52 0.98
CA TYR B 157 35.85 6.18 2.27
C TYR B 157 37.33 6.35 2.60
N ASP B 158 37.73 7.57 2.92
CA ASP B 158 39.14 7.91 3.16
C ASP B 158 39.42 7.74 4.65
N TYR B 159 39.81 6.52 5.04
CA TYR B 159 40.11 6.25 6.45
C TYR B 159 41.21 7.15 7.00
N PRO B 160 42.37 7.33 6.35
CA PRO B 160 43.40 8.21 6.95
C PRO B 160 42.95 9.66 7.10
N LYS B 161 42.01 10.12 6.28
CA LYS B 161 41.58 11.52 6.35
C LYS B 161 40.97 11.84 7.71
N TYR B 162 40.27 10.88 8.30
CA TYR B 162 39.58 11.10 9.57
C TYR B 162 40.17 10.30 10.72
N SER B 163 41.24 9.54 10.49
CA SER B 163 41.72 8.61 11.51
C SER B 163 42.18 9.33 12.78
N GLU B 164 42.87 10.46 12.62
CA GLU B 164 43.37 11.17 13.80
C GLU B 164 42.22 11.72 14.65
N GLU B 165 41.25 12.38 14.01
CA GLU B 165 40.13 12.93 14.77
C GLU B 165 39.34 11.83 15.46
N ALA B 166 39.09 10.73 14.75
CA ALA B 166 38.37 9.60 15.35
C ALA B 166 39.16 8.99 16.50
N LYS B 167 40.49 8.87 16.34
CA LYS B 167 41.31 8.31 17.41
C LYS B 167 41.22 9.16 18.67
N LEU B 168 41.31 10.48 18.53
CA LEU B 168 41.21 11.37 19.68
C LEU B 168 39.83 11.28 20.33
N ASN B 169 38.78 11.24 19.51
CA ASN B 169 37.43 11.15 20.06
C ASN B 169 37.17 9.78 20.66
N ARG B 170 37.71 8.72 20.05
CA ARG B 170 37.53 7.38 20.59
C ARG B 170 38.17 7.25 21.96
N GLU B 171 39.41 7.71 22.10
CA GLU B 171 40.10 7.63 23.38
C GLU B 171 39.40 8.48 24.43
N GLU B 172 38.94 9.67 24.06
CA GLU B 172 38.17 10.49 25.00
C GLU B 172 36.88 9.79 25.41
N ILE B 173 36.17 9.20 24.46
CA ILE B 173 34.92 8.50 24.77
C ILE B 173 35.19 7.31 25.69
N ASP B 174 36.23 6.53 25.38
CA ASP B 174 36.51 5.34 26.19
C ASP B 174 37.04 5.72 27.57
N SER B 175 37.77 6.83 27.70
CA SER B 175 38.31 7.25 28.99
C SER B 175 37.20 7.56 30.00
N GLU C 1 7.43 2.86 37.85
CA GLU C 1 7.18 4.05 37.05
C GLU C 1 8.49 4.72 36.63
N VAL C 2 8.43 5.50 35.55
CA VAL C 2 9.58 6.23 35.03
C VAL C 2 9.42 7.70 35.40
N GLN C 3 10.48 8.29 35.96
CA GLN C 3 10.44 9.66 36.44
C GLN C 3 11.61 10.44 35.83
N LEU C 4 11.31 11.65 35.35
CA LEU C 4 12.30 12.56 34.80
C LEU C 4 12.22 13.87 35.57
N LEU C 5 13.32 14.23 36.23
CA LEU C 5 13.36 15.40 37.10
C LEU C 5 14.37 16.40 36.58
N GLU C 6 13.90 17.60 36.24
CA GLU C 6 14.76 18.69 35.79
C GLU C 6 15.15 19.59 36.95
N SER C 7 16.31 20.24 36.83
CA SER C 7 16.82 21.15 37.83
C SER C 7 17.89 22.02 37.18
N GLY C 8 18.41 22.97 37.97
CA GLY C 8 19.47 23.85 37.50
C GLY C 8 19.00 25.11 36.81
N GLY C 9 17.69 25.28 36.62
CA GLY C 9 17.20 26.48 35.98
C GLY C 9 17.21 27.67 36.92
N GLY C 10 17.13 28.86 36.32
CA GLY C 10 17.12 30.08 37.12
C GLY C 10 17.32 31.30 36.25
N LEU C 11 17.58 32.42 36.92
CA LEU C 11 17.82 33.69 36.26
C LEU C 11 19.30 33.84 35.94
N VAL C 12 19.60 34.53 34.85
CA VAL C 12 20.97 34.70 34.39
C VAL C 12 21.00 35.85 33.39
N GLN C 13 22.15 36.50 33.29
CA GLN C 13 22.37 37.59 32.34
C GLN C 13 22.74 37.01 30.97
N PRO C 14 22.48 37.76 29.89
CA PRO C 14 22.97 37.32 28.57
C PRO C 14 24.48 37.18 28.58
N GLY C 15 24.96 36.15 27.90
CA GLY C 15 26.36 35.80 27.94
C GLY C 15 26.76 34.91 29.10
N GLY C 16 25.83 34.61 30.01
CA GLY C 16 26.12 33.75 31.14
C GLY C 16 26.02 32.28 30.79
N SER C 17 26.14 31.45 31.82
CA SER C 17 26.13 30.01 31.64
C SER C 17 25.25 29.37 32.69
N LEU C 18 24.53 28.32 32.28
CA LEU C 18 23.74 27.51 33.19
C LEU C 18 23.94 26.05 32.81
N ARG C 19 23.66 25.16 33.78
CA ARG C 19 23.75 23.73 33.54
C ARG C 19 22.52 23.05 34.12
N LEU C 20 21.84 22.26 33.28
CA LEU C 20 20.67 21.51 33.69
C LEU C 20 21.04 20.07 34.01
N SER C 21 20.18 19.43 34.79
CA SER C 21 20.34 18.03 35.15
C SER C 21 18.99 17.34 35.07
N CYS C 22 18.94 16.20 34.39
CA CYS C 22 17.73 15.39 34.29
C CYS C 22 17.97 14.12 35.10
N ALA C 23 17.23 13.97 36.18
CA ALA C 23 17.32 12.79 37.01
C ALA C 23 16.46 11.68 36.42
N VAL C 24 17.07 10.53 36.16
CA VAL C 24 16.44 9.45 35.41
C VAL C 24 16.24 8.25 36.33
N SER C 25 15.01 7.73 36.35
CA SER C 25 14.70 6.52 37.10
C SER C 25 13.47 5.88 36.47
N GLY C 26 13.47 4.55 36.41
CA GLY C 26 12.34 3.81 35.90
C GLY C 26 12.59 3.04 34.62
N PHE C 27 13.79 3.11 34.05
CA PHE C 27 14.12 2.35 32.85
C PHE C 27 15.62 2.20 32.77
N THR C 28 16.06 1.27 31.92
CA THR C 28 17.48 1.10 31.64
C THR C 28 17.97 2.32 30.85
N PHE C 29 18.78 3.15 31.51
CA PHE C 29 19.18 4.42 30.90
C PHE C 29 20.04 4.18 29.66
N SER C 30 20.89 3.16 29.68
CA SER C 30 21.79 2.91 28.56
C SER C 30 21.03 2.54 27.29
N LYS C 31 19.84 1.96 27.41
CA LYS C 31 19.13 1.47 26.24
C LYS C 31 18.46 2.57 25.44
N TYR C 32 18.24 3.75 26.02
CA TYR C 32 17.42 4.77 25.37
C TYR C 32 18.20 6.05 25.14
N ALA C 33 17.87 6.74 24.06
CA ALA C 33 18.41 8.05 23.75
C ALA C 33 17.59 9.13 24.44
N MET C 34 18.21 10.29 24.65
CA MET C 34 17.61 11.37 25.41
C MET C 34 17.63 12.66 24.61
N ASN C 35 16.70 13.56 24.94
CA ASN C 35 16.53 14.82 24.23
C ASN C 35 16.25 15.95 25.21
N TRP C 36 16.48 17.17 24.75
CA TRP C 36 15.99 18.37 25.43
C TRP C 36 15.04 19.11 24.48
N VAL C 37 13.84 19.40 24.97
CA VAL C 37 12.84 20.18 24.23
C VAL C 37 12.47 21.37 25.10
N ARG C 38 12.39 22.56 24.48
CA ARG C 38 12.10 23.78 25.21
C ARG C 38 10.80 24.40 24.70
N GLN C 39 10.16 25.17 25.58
CA GLN C 39 8.92 25.86 25.26
C GLN C 39 8.97 27.27 25.83
N ALA C 40 8.96 28.27 24.95
CA ALA C 40 8.92 29.65 25.37
C ALA C 40 7.62 29.92 26.11
N PRO C 41 7.60 30.93 26.97
CA PRO C 41 6.41 31.16 27.81
C PRO C 41 5.19 31.46 26.96
N GLY C 42 4.17 30.62 27.11
CA GLY C 42 2.97 30.75 26.31
C GLY C 42 3.21 30.62 24.81
N LYS C 43 4.07 29.68 24.41
CA LYS C 43 4.41 29.49 23.01
C LYS C 43 4.45 28.00 22.72
N GLY C 44 4.84 27.67 21.49
CA GLY C 44 4.91 26.28 21.07
C GLY C 44 6.20 25.59 21.50
N LEU C 45 6.31 24.33 21.12
CA LEU C 45 7.46 23.51 21.45
C LEU C 45 8.56 23.65 20.41
N GLU C 46 9.80 23.44 20.86
CA GLU C 46 10.95 23.51 19.96
C GLU C 46 12.00 22.53 20.45
N TRP C 47 12.32 21.54 19.62
CA TRP C 47 13.39 20.62 19.95
C TRP C 47 14.71 21.38 20.07
N VAL C 48 15.51 21.01 21.07
CA VAL C 48 16.80 21.66 21.32
C VAL C 48 17.96 20.75 20.95
N SER C 49 18.03 19.57 21.55
CA SER C 49 19.22 18.75 21.45
C SER C 49 18.86 17.28 21.61
N HIS C 50 19.75 16.42 21.11
CA HIS C 50 19.59 14.98 21.19
C HIS C 50 20.93 14.32 21.47
N ILE C 51 20.91 13.27 22.30
CA ILE C 51 22.07 12.43 22.54
C ILE C 51 21.64 10.97 22.47
N SER C 52 22.45 10.15 21.79
CA SER C 52 22.10 8.75 21.63
C SER C 52 22.31 7.98 22.94
N GLY C 53 21.83 6.74 22.96
CA GLY C 53 21.99 5.92 24.15
C GLY C 53 23.45 5.71 24.51
N SER C 54 24.29 5.55 23.49
CA SER C 54 25.73 5.38 23.72
C SER C 54 26.38 6.68 24.15
N GLY C 55 25.91 7.81 23.61
CA GLY C 55 26.48 9.11 23.92
C GLY C 55 27.42 9.68 22.88
N ILE C 56 27.81 8.88 21.87
CA ILE C 56 28.74 9.34 20.85
C ILE C 56 28.08 10.38 19.95
N SER C 57 26.80 10.19 19.62
CA SER C 57 26.11 11.06 18.68
C SER C 57 25.31 12.12 19.42
N THR C 58 25.47 13.37 18.99
CA THR C 58 24.71 14.49 19.52
C THR C 58 24.24 15.32 18.34
N TYR C 59 23.01 15.83 18.43
CA TYR C 59 22.46 16.75 17.44
C TYR C 59 21.84 17.93 18.16
N TYR C 60 21.93 19.10 17.54
CA TYR C 60 21.48 20.34 18.15
C TYR C 60 20.67 21.16 17.16
N ALA C 61 19.76 21.97 17.68
CA ALA C 61 19.10 22.97 16.85
C ALA C 61 20.11 24.03 16.40
N ASP C 62 19.85 24.62 15.24
CA ASP C 62 20.81 25.53 14.63
C ASP C 62 21.10 26.73 15.51
N SER C 63 20.10 27.20 16.27
CA SER C 63 20.24 28.43 17.04
C SER C 63 21.10 28.23 18.30
N VAL C 64 21.29 26.99 18.75
CA VAL C 64 22.06 26.73 19.96
C VAL C 64 23.39 26.07 19.67
N LYS C 65 23.73 25.83 18.40
CA LYS C 65 25.01 25.23 18.06
C LYS C 65 26.16 26.14 18.46
N GLY C 66 27.19 25.54 19.06
CA GLY C 66 28.33 26.28 19.55
C GLY C 66 28.15 26.89 20.91
N ARG C 67 26.94 26.90 21.44
CA ARG C 67 26.60 27.43 22.76
C ARG C 67 26.12 26.35 23.72
N PHE C 68 25.26 25.44 23.28
CA PHE C 68 24.73 24.40 24.14
C PHE C 68 25.53 23.12 23.97
N THR C 69 25.52 22.27 25.00
CA THR C 69 26.21 20.98 24.94
C THR C 69 25.45 19.97 25.77
N ILE C 70 24.99 18.88 25.12
CA ILE C 70 24.29 17.80 25.80
C ILE C 70 25.29 16.71 26.16
N SER C 71 25.04 16.05 27.29
CA SER C 71 25.90 14.98 27.75
C SER C 71 25.09 14.07 28.65
N ARG C 72 25.65 12.89 28.93
CA ARG C 72 24.99 11.94 29.80
C ARG C 72 26.04 11.21 30.63
N ASP C 73 25.61 10.75 31.81
CA ASP C 73 26.42 9.87 32.66
C ASP C 73 25.52 8.66 32.95
N THR C 74 25.69 7.60 32.16
CA THR C 74 24.79 6.46 32.25
C THR C 74 24.92 5.76 33.59
N SER C 75 26.14 5.67 34.13
CA SER C 75 26.36 5.02 35.41
C SER C 75 25.63 5.73 36.55
N LYS C 76 25.33 7.02 36.40
CA LYS C 76 24.66 7.80 37.43
C LYS C 76 23.21 8.12 37.07
N ASN C 77 22.71 7.65 35.92
CA ASN C 77 21.34 7.92 35.45
C ASN C 77 21.07 9.43 35.38
N MET C 78 21.98 10.16 34.75
CA MET C 78 21.91 11.61 34.67
C MET C 78 22.03 12.09 33.23
N LEU C 79 21.22 13.08 32.89
CA LEU C 79 21.32 13.79 31.61
C LEU C 79 21.55 15.26 31.88
N TYR C 80 22.52 15.86 31.20
CA TYR C 80 22.89 17.25 31.44
C TYR C 80 22.74 18.06 30.16
N LEU C 81 22.57 19.38 30.35
CA LEU C 81 22.55 20.33 29.25
C LEU C 81 23.32 21.58 29.71
N GLN C 82 24.54 21.72 29.20
CA GLN C 82 25.39 22.87 29.51
C GLN C 82 25.14 23.97 28.48
N MET C 83 24.65 25.12 28.94
CA MET C 83 24.38 26.27 28.08
C MET C 83 25.36 27.38 28.40
N ASN C 84 26.10 27.83 27.39
CA ASN C 84 26.97 28.99 27.46
C ASN C 84 26.47 30.01 26.45
N SER C 85 27.00 31.24 26.56
CA SER C 85 26.63 32.32 25.66
C SER C 85 25.12 32.49 25.59
N LEU C 86 24.48 32.41 26.75
CA LEU C 86 23.02 32.46 26.82
C LEU C 86 22.49 33.76 26.22
N ARG C 87 21.29 33.67 25.65
CA ARG C 87 20.63 34.78 24.99
C ARG C 87 19.23 34.96 25.59
N ALA C 88 18.67 36.15 25.37
CA ALA C 88 17.33 36.41 25.89
C ALA C 88 16.29 35.53 25.22
N GLU C 89 16.49 35.22 23.93
CA GLU C 89 15.59 34.33 23.22
C GLU C 89 15.63 32.89 23.72
N ASP C 90 16.63 32.53 24.52
CA ASP C 90 16.71 31.20 25.13
C ASP C 90 15.81 31.07 26.35
N THR C 91 15.06 32.11 26.69
CA THR C 91 14.15 32.07 27.83
C THR C 91 12.99 31.15 27.51
N ALA C 92 12.87 30.05 28.25
CA ALA C 92 11.86 29.03 27.97
C ALA C 92 11.82 28.04 29.12
N ILE C 93 10.84 27.15 29.07
CA ILE C 93 10.77 25.99 29.95
C ILE C 93 11.47 24.84 29.24
N TYR C 94 12.40 24.18 29.93
CA TYR C 94 13.21 23.12 29.34
C TYR C 94 12.84 21.78 29.94
N TYR C 95 12.40 20.86 29.08
CA TYR C 95 12.06 19.49 29.44
C TYR C 95 13.15 18.55 28.91
N CYS C 96 13.36 17.44 29.62
CA CYS C 96 14.13 16.32 29.09
C CYS C 96 13.18 15.22 28.67
N ALA C 97 13.33 14.74 27.44
CA ALA C 97 12.42 13.77 26.85
C ALA C 97 13.14 12.47 26.57
N LYS C 98 12.57 11.37 27.03
CA LYS C 98 13.09 10.04 26.75
C LYS C 98 12.56 9.55 25.41
N ASP C 99 13.41 8.91 24.63
CA ASP C 99 12.96 8.34 23.37
C ASP C 99 12.11 7.10 23.62
N ALA C 100 11.03 6.97 22.85
CA ALA C 100 10.07 5.90 23.07
C ALA C 100 10.60 4.53 22.64
N ILE C 101 11.64 4.47 21.83
CA ILE C 101 12.13 3.21 21.28
C ILE C 101 13.62 3.07 21.56
N SER C 102 14.09 1.83 21.51
CA SER C 102 15.48 1.48 21.77
C SER C 102 15.99 0.58 20.66
N GLY C 103 17.20 0.88 20.16
CA GLY C 103 17.87 0.03 19.20
C GLY C 103 17.35 0.10 17.78
N GLN C 104 16.58 1.11 17.44
CA GLN C 104 16.06 1.29 16.07
C GLN C 104 16.25 2.75 15.70
N ILE C 105 17.42 3.07 15.15
CA ILE C 105 17.76 4.46 14.84
C ILE C 105 16.75 5.06 13.87
N TRP C 106 16.31 4.28 12.89
CA TRP C 106 15.38 4.76 11.87
C TRP C 106 14.00 5.09 12.43
N LEU C 107 13.68 4.61 13.63
CA LEU C 107 12.39 4.88 14.27
C LEU C 107 12.52 5.74 15.52
N GLN C 108 13.61 6.50 15.65
CA GLN C 108 13.78 7.37 16.80
C GLN C 108 13.13 8.73 16.53
N GLY C 109 13.20 9.61 17.53
CA GLY C 109 12.59 10.93 17.42
C GLY C 109 11.22 11.05 18.04
N THR C 110 10.77 10.06 18.80
CA THR C 110 9.48 10.08 19.47
C THR C 110 9.70 10.05 20.97
N PHE C 111 9.03 10.95 21.69
CA PHE C 111 9.23 11.12 23.12
C PHE C 111 7.98 10.64 23.86
N ASP C 112 8.13 9.57 24.63
CA ASP C 112 7.00 8.97 25.35
C ASP C 112 6.84 9.52 26.76
N TYR C 113 7.93 9.97 27.38
CA TYR C 113 7.88 10.50 28.74
C TYR C 113 8.59 11.83 28.82
N TRP C 114 7.96 12.79 29.48
CA TRP C 114 8.49 14.14 29.67
C TRP C 114 8.47 14.47 31.15
N GLY C 115 9.52 15.15 31.60
CA GLY C 115 9.49 15.74 32.92
C GLY C 115 8.66 17.01 32.93
N GLN C 116 8.37 17.50 34.13
CA GLN C 116 7.58 18.72 34.26
C GLN C 116 8.36 19.96 33.83
N GLY C 117 9.68 19.88 33.75
CA GLY C 117 10.49 20.93 33.15
C GLY C 117 11.07 21.86 34.20
N THR C 118 12.01 22.69 33.73
CA THR C 118 12.67 23.70 34.54
C THR C 118 12.74 24.99 33.74
N LEU C 119 12.77 26.11 34.45
CA LEU C 119 12.64 27.43 33.83
C LEU C 119 13.99 28.13 33.79
N VAL C 120 14.31 28.66 32.62
CA VAL C 120 15.51 29.47 32.41
C VAL C 120 15.03 30.83 31.91
N THR C 121 15.41 31.88 32.65
CA THR C 121 15.10 33.25 32.27
C THR C 121 16.40 34.01 32.09
N VAL C 122 16.55 34.65 30.93
CA VAL C 122 17.75 35.40 30.58
C VAL C 122 17.27 36.77 30.14
N PHE C 123 17.25 37.74 31.07
CA PHE C 123 16.65 39.01 30.67
C PHE C 123 17.65 40.07 30.24
N ASN C 124 18.49 40.57 31.18
CA ASN C 124 19.37 41.74 31.06
C ASN C 124 19.18 42.73 32.21
N GLN C 125 17.97 43.28 32.34
CA GLN C 125 17.69 44.38 33.25
C GLN C 125 16.46 44.07 34.08
N ILE C 126 16.41 44.62 35.29
CA ILE C 126 15.28 44.46 36.20
C ILE C 126 14.64 45.83 36.38
N LYS C 127 13.34 45.92 36.06
CA LYS C 127 12.57 47.14 36.25
C LYS C 127 11.31 46.80 37.03
N GLY C 128 11.09 47.51 38.14
CA GLY C 128 9.94 47.27 38.97
C GLY C 128 8.67 47.88 38.42
N PRO C 129 7.52 47.39 38.87
CA PRO C 129 6.24 47.84 38.34
C PRO C 129 5.66 49.03 39.10
N SER C 130 4.86 49.81 38.38
CA SER C 130 4.08 50.90 38.95
C SER C 130 2.62 50.47 38.98
N VAL C 131 2.06 50.36 40.18
CA VAL C 131 0.71 49.87 40.35
C VAL C 131 -0.26 51.03 40.41
N PHE C 132 -1.27 51.01 39.54
CA PHE C 132 -2.29 52.05 39.45
C PHE C 132 -3.68 51.46 39.64
N PRO C 133 -4.57 52.15 40.34
CA PRO C 133 -5.93 51.64 40.55
C PRO C 133 -6.84 51.94 39.38
N LEU C 134 -7.90 51.15 39.29
CA LEU C 134 -8.97 51.31 38.31
C LEU C 134 -10.26 51.46 39.11
N ALA C 135 -10.58 52.70 39.47
CA ALA C 135 -11.64 52.96 40.44
C ALA C 135 -13.02 52.72 39.84
N PRO C 136 -13.97 52.24 40.66
CA PRO C 136 -15.39 52.14 40.24
C PRO C 136 -16.18 53.42 40.52
N SER C 137 -15.94 54.43 39.69
CA SER C 137 -16.55 55.75 39.87
C SER C 137 -17.99 55.73 39.34
N SER C 138 -18.57 56.93 39.18
CA SER C 138 -19.95 57.02 38.71
C SER C 138 -20.12 56.42 37.32
N LYS C 139 -19.08 56.47 36.48
CA LYS C 139 -19.12 55.82 35.18
C LYS C 139 -18.96 54.30 35.27
N SER C 140 -18.68 53.77 36.47
CA SER C 140 -18.60 52.33 36.69
C SER C 140 -19.60 51.86 37.74
N THR C 141 -20.62 52.67 38.02
CA THR C 141 -21.67 52.33 38.99
C THR C 141 -22.85 51.73 38.23
N SER C 142 -22.78 50.41 37.99
CA SER C 142 -23.84 49.73 37.27
C SER C 142 -25.09 49.55 38.10
N GLY C 143 -24.99 49.58 39.43
CA GLY C 143 -26.14 49.46 40.30
C GLY C 143 -26.29 48.10 40.92
N GLY C 144 -26.08 47.04 40.15
CA GLY C 144 -26.14 45.69 40.67
C GLY C 144 -24.78 45.13 41.04
N THR C 145 -23.84 45.19 40.09
CA THR C 145 -22.47 44.73 40.32
C THR C 145 -21.52 45.70 39.64
N ALA C 146 -20.46 46.07 40.34
CA ALA C 146 -19.45 47.00 39.84
C ALA C 146 -18.15 46.26 39.55
N ALA C 147 -17.26 46.93 38.84
CA ALA C 147 -15.96 46.37 38.46
C ALA C 147 -14.85 47.34 38.83
N LEU C 148 -13.77 46.81 39.42
CA LEU C 148 -12.59 47.58 39.74
C LEU C 148 -11.36 46.70 39.52
N GLY C 149 -10.18 47.31 39.64
CA GLY C 149 -8.97 46.55 39.45
C GLY C 149 -7.74 47.42 39.58
N CYS C 150 -6.59 46.81 39.27
CA CYS C 150 -5.29 47.46 39.36
C CYS C 150 -4.57 47.34 38.04
N LEU C 151 -3.74 48.34 37.74
CA LEU C 151 -2.96 48.40 36.50
C LEU C 151 -1.49 48.30 36.86
N VAL C 152 -0.92 47.12 36.62
CA VAL C 152 0.50 46.87 36.88
C VAL C 152 1.26 47.18 35.60
N LYS C 153 2.04 48.26 35.60
CA LYS C 153 2.57 48.83 34.37
C LYS C 153 4.10 48.97 34.44
N ASP C 154 4.73 48.81 33.27
CA ASP C 154 6.15 49.11 33.05
C ASP C 154 7.04 48.32 34.03
N TYR C 155 7.02 47.01 33.88
CA TYR C 155 7.88 46.13 34.67
C TYR C 155 8.57 45.14 33.74
N PHE C 156 9.67 44.57 34.24
CA PHE C 156 10.46 43.60 33.50
C PHE C 156 11.43 42.92 34.46
N PRO C 157 11.61 41.59 34.37
CA PRO C 157 10.92 40.64 33.50
C PRO C 157 9.74 39.95 34.22
N GLU C 158 9.01 39.08 33.54
CA GLU C 158 7.97 38.29 34.19
C GLU C 158 8.63 37.33 35.18
N PRO C 159 7.87 36.80 36.16
CA PRO C 159 6.45 36.97 36.48
C PRO C 159 6.11 38.05 37.50
N VAL C 160 4.82 38.38 37.54
CA VAL C 160 4.23 39.22 38.59
C VAL C 160 2.97 38.54 39.08
N THR C 161 2.85 38.36 40.39
CA THR C 161 1.71 37.69 40.99
C THR C 161 0.77 38.70 41.63
N VAL C 162 -0.53 38.53 41.41
CA VAL C 162 -1.53 39.44 41.91
C VAL C 162 -2.56 38.64 42.71
N SER C 163 -2.90 39.14 43.90
CA SER C 163 -3.96 38.59 44.71
C SER C 163 -4.80 39.74 45.25
N TRP C 164 -6.04 39.42 45.65
CA TRP C 164 -6.97 40.44 46.11
C TRP C 164 -7.37 40.17 47.56
N ASN C 165 -7.32 41.23 48.38
CA ASN C 165 -7.70 41.18 49.80
C ASN C 165 -6.92 40.08 50.53
N SER C 166 -5.59 40.25 50.55
CA SER C 166 -4.66 39.34 51.22
C SER C 166 -4.91 37.89 50.79
N GLY C 167 -5.32 37.70 49.54
CA GLY C 167 -5.62 36.38 49.05
C GLY C 167 -6.94 35.81 49.49
N ALA C 168 -7.79 36.59 50.16
CA ALA C 168 -9.08 36.09 50.62
C ALA C 168 -10.11 36.10 49.51
N LEU C 169 -10.20 37.21 48.77
CA LEU C 169 -11.15 37.35 47.68
C LEU C 169 -10.55 36.69 46.43
N THR C 170 -10.99 35.45 46.14
CA THR C 170 -10.64 34.75 44.91
C THR C 170 -11.93 34.23 44.28
N SER C 171 -12.61 35.11 43.55
CA SER C 171 -13.82 34.75 42.81
C SER C 171 -14.25 35.90 41.91
N GLY C 172 -14.59 35.60 40.66
CA GLY C 172 -14.87 36.66 39.72
C GLY C 172 -13.69 37.57 39.43
N VAL C 173 -12.48 37.12 39.72
CA VAL C 173 -11.26 37.90 39.50
C VAL C 173 -10.57 37.38 38.25
N HIS C 174 -10.17 38.31 37.39
CA HIS C 174 -9.46 37.98 36.15
C HIS C 174 -8.17 38.77 36.11
N THR C 175 -7.04 38.08 36.27
CA THR C 175 -5.71 38.68 36.13
C THR C 175 -5.21 38.40 34.72
N PHE C 176 -5.18 39.43 33.89
CA PHE C 176 -4.88 39.23 32.49
C PHE C 176 -3.40 38.91 32.29
N PRO C 177 -3.08 38.11 31.26
CA PRO C 177 -1.67 37.86 30.94
C PRO C 177 -0.97 39.14 30.48
N ALA C 178 0.31 39.22 30.78
CA ALA C 178 1.08 40.42 30.49
C ALA C 178 1.14 40.67 28.99
N VAL C 179 1.30 41.94 28.63
CA VAL C 179 1.53 42.36 27.26
C VAL C 179 2.87 43.08 27.19
N LEU C 180 3.60 42.86 26.10
CA LEU C 180 4.88 43.51 25.87
C LEU C 180 4.65 44.76 25.02
N GLN C 181 4.95 45.93 25.60
CA GLN C 181 4.65 47.19 24.96
C GLN C 181 5.76 47.57 23.97
N SER C 182 5.60 48.73 23.33
CA SER C 182 6.63 49.24 22.44
C SER C 182 7.91 49.57 23.20
N SER C 183 7.79 49.97 24.46
CA SER C 183 8.96 50.31 25.27
C SER C 183 9.78 49.10 25.66
N GLY C 184 9.29 47.89 25.40
CA GLY C 184 9.99 46.69 25.82
C GLY C 184 9.74 46.28 27.25
N LEU C 185 8.71 46.85 27.89
CA LEU C 185 8.36 46.53 29.26
C LEU C 185 6.98 45.88 29.29
N TYR C 186 6.81 44.93 30.21
CA TYR C 186 5.55 44.23 30.34
C TYR C 186 4.54 45.07 31.12
N SER C 187 3.27 44.68 31.00
CA SER C 187 2.19 45.40 31.66
C SER C 187 0.96 44.50 31.66
N LEU C 188 0.32 44.33 32.82
CA LEU C 188 -0.93 43.59 32.92
C LEU C 188 -1.91 44.37 33.79
N SER C 189 -3.14 43.89 33.80
CA SER C 189 -4.17 44.44 34.68
C SER C 189 -4.93 43.29 35.31
N SER C 190 -5.30 43.45 36.57
CA SER C 190 -6.09 42.48 37.31
C SER C 190 -7.39 43.14 37.75
N VAL C 191 -8.52 42.51 37.43
CA VAL C 191 -9.83 43.07 37.70
C VAL C 191 -10.66 42.06 38.47
N VAL C 192 -11.63 42.56 39.23
CA VAL C 192 -12.59 41.73 39.96
C VAL C 192 -13.97 42.39 39.85
N THR C 193 -15.02 41.58 39.88
CA THR C 193 -16.39 42.06 39.90
C THR C 193 -17.00 41.83 41.28
N VAL C 194 -17.58 42.88 41.85
CA VAL C 194 -18.21 42.81 43.17
C VAL C 194 -19.51 43.59 43.14
N PRO C 195 -20.43 43.27 44.06
CA PRO C 195 -21.72 43.98 44.05
C PRO C 195 -21.55 45.47 44.34
N SER C 196 -22.46 46.26 43.76
CA SER C 196 -22.42 47.71 43.99
C SER C 196 -22.66 48.06 45.45
N SER C 197 -23.45 47.25 46.16
CA SER C 197 -23.66 47.49 47.58
C SER C 197 -22.52 46.91 48.40
N SER C 198 -21.29 47.21 47.99
CA SER C 198 -20.11 46.89 48.77
C SER C 198 -19.03 47.97 48.70
N LEU C 199 -19.30 49.10 48.02
CA LEU C 199 -18.34 50.19 47.91
C LEU C 199 -18.45 51.05 49.17
N GLY C 200 -17.78 50.59 50.22
CA GLY C 200 -17.85 51.24 51.52
C GLY C 200 -18.01 50.22 52.62
N THR C 201 -18.73 49.14 52.32
CA THR C 201 -18.81 48.02 53.25
C THR C 201 -17.48 47.29 53.31
N GLN C 202 -16.79 47.16 52.18
CA GLN C 202 -15.51 46.46 52.19
C GLN C 202 -14.53 47.11 51.23
N THR C 203 -13.39 47.52 51.78
CA THR C 203 -12.29 48.05 50.98
C THR C 203 -11.61 46.92 50.20
N TYR C 204 -10.98 47.30 49.09
CA TYR C 204 -10.38 46.34 48.18
C TYR C 204 -8.90 46.66 47.99
N ILE C 205 -8.07 45.62 48.11
CA ILE C 205 -6.62 45.75 48.04
C ILE C 205 -6.09 44.69 47.08
N CYS C 206 -5.26 45.11 46.13
CA CYS C 206 -4.60 44.20 45.21
C CYS C 206 -3.14 44.05 45.63
N ASN C 207 -2.70 42.80 45.77
CA ASN C 207 -1.35 42.51 46.22
C ASN C 207 -0.49 42.12 45.04
N VAL C 208 0.55 42.91 44.79
CA VAL C 208 1.42 42.75 43.62
C VAL C 208 2.81 42.36 44.10
N ASN C 209 3.37 41.30 43.53
CA ASN C 209 4.71 40.83 43.85
C ASN C 209 5.53 40.72 42.58
N HIS C 210 6.75 41.26 42.62
CA HIS C 210 7.66 41.30 41.48
C HIS C 210 9.07 40.92 41.93
N LYS C 211 9.19 39.72 42.53
CA LYS C 211 10.40 39.21 43.20
C LYS C 211 11.73 39.66 42.59
N PRO C 212 11.91 39.67 41.26
CA PRO C 212 13.19 40.17 40.72
C PRO C 212 13.55 41.58 41.19
N SER C 213 12.58 42.47 41.32
CA SER C 213 12.83 43.82 41.84
C SER C 213 12.45 43.97 43.30
N ASN C 214 12.03 42.89 43.96
CA ASN C 214 11.63 42.92 45.37
C ASN C 214 10.51 43.94 45.60
N THR C 215 9.54 43.96 44.69
CA THR C 215 8.39 44.85 44.80
C THR C 215 7.24 44.13 45.49
N LYS C 216 6.69 44.74 46.53
CA LYS C 216 5.57 44.17 47.29
C LYS C 216 4.51 45.25 47.55
N VAL C 217 4.14 45.98 46.49
CA VAL C 217 3.26 47.13 46.62
C VAL C 217 1.82 46.66 46.82
N ASP C 218 1.11 47.34 47.72
CA ASP C 218 -0.32 47.13 47.94
C ASP C 218 -1.05 48.43 47.63
N LYS C 219 -2.15 48.34 46.88
CA LYS C 219 -2.84 49.52 46.38
C LYS C 219 -4.32 49.51 46.73
N LYS C 220 -4.84 50.68 47.10
CA LYS C 220 -6.26 50.85 47.44
C LYS C 220 -7.06 51.27 46.22
N VAL C 221 -8.30 50.79 46.14
CA VAL C 221 -9.22 51.14 45.05
C VAL C 221 -10.53 51.60 45.67
N GLU C 222 -11.00 52.79 45.28
CA GLU C 222 -12.25 53.36 45.77
C GLU C 222 -12.64 54.52 44.85
N PRO C 223 -13.92 54.88 44.81
CA PRO C 223 -14.34 55.95 43.91
C PRO C 223 -13.84 57.32 44.35
N LYS C 224 -14.06 58.31 43.48
CA LYS C 224 -13.58 59.68 43.68
C LYS C 224 -14.65 60.64 43.16
N SER C 225 -14.35 61.94 43.24
CA SER C 225 -15.19 63.04 42.76
C SER C 225 -16.50 63.17 43.55
N CYS C 226 -16.58 62.57 44.73
CA CYS C 226 -17.79 62.69 45.55
C CYS C 226 -17.58 63.71 46.66
N GLU D 1 15.26 21.83 6.96
CA GLU D 1 14.22 21.80 7.98
C GLU D 1 12.84 21.58 7.35
N ILE D 2 12.07 20.67 7.92
CA ILE D 2 10.73 20.38 7.43
C ILE D 2 9.73 21.24 8.19
N VAL D 3 9.19 22.25 7.51
CA VAL D 3 8.20 23.14 8.11
C VAL D 3 6.90 22.38 8.31
N MET D 4 6.30 22.54 9.50
CA MET D 4 5.06 21.89 9.86
C MET D 4 4.00 22.95 10.10
N THR D 5 2.89 22.84 9.40
CA THR D 5 1.76 23.76 9.54
C THR D 5 0.57 23.01 10.09
N GLN D 6 -0.07 23.58 11.11
CA GLN D 6 -1.14 22.91 11.85
C GLN D 6 -2.35 23.84 11.93
N SER D 7 -3.22 23.78 10.91
CA SER D 7 -4.47 24.52 10.85
C SER D 7 -5.65 23.60 11.11
N PRO D 8 -6.70 24.07 11.79
CA PRO D 8 -6.92 25.43 12.31
C PRO D 8 -6.17 25.69 13.61
N ALA D 9 -5.80 26.94 13.87
CA ALA D 9 -5.12 27.25 15.13
C ALA D 9 -6.04 27.02 16.33
N THR D 10 -7.32 27.37 16.20
CA THR D 10 -8.30 27.16 17.26
C THR D 10 -9.53 26.50 16.67
N LEU D 11 -10.07 25.52 17.40
CA LEU D 11 -11.23 24.75 16.96
C LEU D 11 -12.26 24.73 18.09
N SER D 12 -13.50 25.07 17.76
CA SER D 12 -14.59 25.13 18.72
C SER D 12 -15.57 24.00 18.45
N VAL D 13 -15.87 23.21 19.48
CA VAL D 13 -16.85 22.14 19.36
C VAL D 13 -17.26 21.71 20.77
N SER D 14 -18.47 21.17 20.88
CA SER D 14 -19.11 20.85 22.14
C SER D 14 -18.60 19.53 22.71
N PRO D 15 -18.67 19.37 24.04
CA PRO D 15 -18.31 18.07 24.63
C PRO D 15 -19.20 16.95 24.11
N GLY D 16 -18.59 15.78 23.93
CA GLY D 16 -19.28 14.64 23.36
C GLY D 16 -19.32 14.62 21.86
N GLU D 17 -18.95 15.73 21.20
CA GLU D 17 -18.93 15.81 19.75
C GLU D 17 -17.62 15.24 19.21
N ARG D 18 -17.36 15.43 17.92
CA ARG D 18 -16.16 14.90 17.28
C ARG D 18 -15.37 16.04 16.66
N ALA D 19 -14.06 16.00 16.86
CA ALA D 19 -13.15 17.06 16.41
C ALA D 19 -12.08 16.48 15.49
N THR D 20 -11.81 17.19 14.39
CA THR D 20 -10.81 16.78 13.42
C THR D 20 -9.71 17.83 13.36
N LEU D 21 -8.47 17.40 13.58
CA LEU D 21 -7.30 18.25 13.54
C LEU D 21 -6.46 17.92 12.31
N SER D 22 -5.80 18.95 11.76
CA SER D 22 -5.03 18.80 10.53
C SER D 22 -3.57 19.17 10.78
N CYS D 23 -2.67 18.36 10.20
CA CYS D 23 -1.23 18.62 10.21
C CYS D 23 -0.71 18.49 8.79
N ARG D 24 0.01 19.51 8.33
CA ARG D 24 0.55 19.57 6.98
C ARG D 24 2.06 19.73 7.03
N ALA D 25 2.76 19.07 6.13
CA ALA D 25 4.22 19.08 6.09
C ALA D 25 4.71 19.59 4.74
N SER D 26 5.79 20.36 4.77
CA SER D 26 6.33 20.92 3.53
C SER D 26 6.94 19.84 2.64
N GLN D 27 7.35 18.72 3.23
CA GLN D 27 7.87 17.59 2.51
C GLN D 27 7.26 16.31 3.08
N SER D 28 7.26 15.26 2.26
CA SER D 28 6.74 13.98 2.74
C SER D 28 7.55 13.48 3.92
N VAL D 29 6.85 13.03 4.96
CA VAL D 29 7.47 12.42 6.12
C VAL D 29 7.01 10.98 6.31
N SER D 30 6.45 10.37 5.26
CA SER D 30 5.99 8.97 5.26
C SER D 30 4.97 8.83 6.40
N SER D 31 5.12 7.85 7.28
CA SER D 31 4.26 7.72 8.44
C SER D 31 4.97 8.10 9.74
N ASN D 32 6.17 8.67 9.64
CA ASN D 32 6.93 9.09 10.82
C ASN D 32 6.39 10.43 11.32
N LEU D 33 5.22 10.36 11.94
CA LEU D 33 4.56 11.53 12.51
C LEU D 33 4.01 11.18 13.88
N ALA D 34 4.12 12.12 14.81
CA ALA D 34 3.65 11.93 16.17
C ALA D 34 2.66 13.03 16.52
N TRP D 35 1.79 12.73 17.48
CA TRP D 35 0.84 13.69 18.02
C TRP D 35 1.02 13.77 19.54
N TYR D 36 0.95 14.99 20.07
CA TYR D 36 1.16 15.23 21.49
C TYR D 36 0.01 16.05 22.06
N GLN D 37 -0.29 15.80 23.34
CA GLN D 37 -1.30 16.54 24.08
C GLN D 37 -0.63 17.28 25.24
N GLN D 38 -1.03 18.54 25.45
CA GLN D 38 -0.49 19.33 26.55
C GLN D 38 -1.66 20.05 27.23
N LYS D 39 -2.07 19.55 28.39
CA LYS D 39 -3.02 20.26 29.23
C LYS D 39 -2.31 21.41 29.95
N PRO D 40 -3.02 22.50 30.24
CA PRO D 40 -2.37 23.66 30.86
C PRO D 40 -1.71 23.29 32.19
N GLY D 41 -0.52 23.85 32.40
CA GLY D 41 0.24 23.57 33.60
C GLY D 41 0.89 22.21 33.67
N GLN D 42 0.90 21.45 32.56
CA GLN D 42 1.43 20.10 32.55
C GLN D 42 2.37 19.93 31.36
N ALA D 43 3.26 18.95 31.47
CA ALA D 43 4.18 18.63 30.40
C ALA D 43 3.44 17.98 29.22
N PRO D 44 4.01 18.07 28.02
CA PRO D 44 3.40 17.40 26.87
C PRO D 44 3.35 15.89 27.04
N ARG D 45 2.33 15.27 26.46
CA ARG D 45 2.14 13.83 26.54
C ARG D 45 1.99 13.25 25.14
N LEU D 46 2.65 12.13 24.91
CA LEU D 46 2.58 11.45 23.63
C LEU D 46 1.24 10.75 23.50
N LEU D 47 0.57 10.96 22.37
CA LEU D 47 -0.66 10.26 22.03
C LEU D 47 -0.45 9.26 20.89
N ILE D 48 0.00 9.74 19.73
CA ILE D 48 0.05 8.95 18.51
C ILE D 48 1.49 8.90 18.01
N TYR D 49 1.97 7.70 17.67
CA TYR D 49 3.24 7.53 16.98
C TYR D 49 3.01 6.68 15.74
N GLY D 50 3.78 6.97 14.69
CA GLY D 50 3.56 6.30 13.42
C GLY D 50 2.36 6.80 12.66
N ALA D 51 1.77 7.92 13.11
CA ALA D 51 0.66 8.62 12.48
C ALA D 51 -0.66 7.87 12.64
N SER D 52 -0.62 6.62 13.11
CA SER D 52 -1.87 5.90 13.33
C SER D 52 -1.87 5.04 14.59
N THR D 53 -0.74 4.78 15.22
CA THR D 53 -0.67 3.87 16.36
C THR D 53 -0.79 4.65 17.66
N ARG D 54 -1.74 4.25 18.51
CA ARG D 54 -1.91 4.88 19.81
C ARG D 54 -0.83 4.42 20.77
N ALA D 55 -0.34 5.34 21.60
CA ALA D 55 0.69 5.02 22.58
C ALA D 55 0.07 4.25 23.74
N THR D 56 0.91 3.88 24.71
CA THR D 56 0.43 3.14 25.87
C THR D 56 -0.46 4.04 26.73
N GLY D 57 -1.63 3.51 27.10
CA GLY D 57 -2.58 4.24 27.92
C GLY D 57 -3.45 5.23 27.18
N ILE D 58 -3.33 5.32 25.86
CA ILE D 58 -4.16 6.23 25.08
C ILE D 58 -5.52 5.57 24.85
N PRO D 59 -6.62 6.20 25.29
CA PRO D 59 -7.92 5.56 25.14
C PRO D 59 -8.32 5.45 23.68
N PRO D 60 -9.16 4.48 23.33
CA PRO D 60 -9.48 4.23 21.91
C PRO D 60 -10.22 5.38 21.22
N ARG D 61 -10.69 6.38 21.96
CA ARG D 61 -11.41 7.48 21.33
C ARG D 61 -10.52 8.38 20.48
N PHE D 62 -9.20 8.22 20.57
CA PHE D 62 -8.27 9.02 19.78
C PHE D 62 -7.86 8.27 18.52
N SER D 63 -8.00 8.93 17.37
CA SER D 63 -7.74 8.31 16.08
C SER D 63 -6.73 9.14 15.31
N GLY D 64 -5.76 8.47 14.71
CA GLY D 64 -4.78 9.13 13.86
C GLY D 64 -4.70 8.50 12.50
N SER D 65 -4.51 9.34 11.48
CA SER D 65 -4.50 8.88 10.10
C SER D 65 -3.65 9.82 9.24
N GLY D 66 -3.34 9.36 8.03
CA GLY D 66 -2.64 10.15 7.05
C GLY D 66 -1.28 9.56 6.69
N SER D 67 -0.68 10.14 5.66
CA SER D 67 0.67 9.81 5.25
C SER D 67 1.15 10.90 4.30
N GLY D 68 2.44 10.86 3.98
CA GLY D 68 2.99 11.83 3.05
C GLY D 68 3.06 13.23 3.62
N THR D 69 2.20 14.14 3.13
CA THR D 69 2.22 15.53 3.56
C THR D 69 0.97 15.98 4.31
N GLU D 70 -0.14 15.24 4.23
CA GLU D 70 -1.38 15.61 4.91
C GLU D 70 -1.69 14.56 5.99
N PHE D 71 -1.96 15.03 7.21
CA PHE D 71 -2.21 14.15 8.34
C PHE D 71 -3.36 14.70 9.15
N SER D 72 -3.94 13.85 10.00
CA SER D 72 -5.12 14.24 10.77
C SER D 72 -5.21 13.45 12.06
N LEU D 73 -5.88 14.07 13.04
CA LEU D 73 -6.14 13.48 14.35
C LEU D 73 -7.62 13.66 14.68
N THR D 74 -8.23 12.61 15.22
CA THR D 74 -9.67 12.60 15.48
C THR D 74 -9.94 12.11 16.89
N ILE D 75 -10.84 12.82 17.58
CA ILE D 75 -11.32 12.44 18.90
C ILE D 75 -12.81 12.12 18.77
N SER D 76 -13.17 10.84 18.84
CA SER D 76 -14.52 10.40 18.56
C SER D 76 -15.54 11.01 19.51
N SER D 77 -15.44 10.68 20.79
CA SER D 77 -16.25 11.32 21.82
C SER D 77 -15.34 12.28 22.58
N LEU D 78 -15.63 13.58 22.49
CA LEU D 78 -14.81 14.60 23.11
C LEU D 78 -15.30 14.84 24.53
N GLN D 79 -14.45 14.51 25.50
CA GLN D 79 -14.74 14.72 26.90
C GLN D 79 -13.92 15.90 27.42
N SER D 80 -14.32 16.43 28.59
CA SER D 80 -13.77 17.71 29.03
C SER D 80 -12.26 17.63 29.29
N GLU D 81 -11.75 16.43 29.62
CA GLU D 81 -10.32 16.29 29.84
C GLU D 81 -9.50 16.53 28.58
N ASP D 82 -10.11 16.41 27.40
CA ASP D 82 -9.41 16.49 26.13
C ASP D 82 -9.44 17.88 25.51
N PHE D 83 -9.95 18.88 26.23
CA PHE D 83 -9.93 20.26 25.74
C PHE D 83 -8.56 20.86 26.06
N ALA D 84 -7.59 20.51 25.22
CA ALA D 84 -6.20 20.91 25.43
C ALA D 84 -5.62 21.37 24.10
N VAL D 85 -4.30 21.53 24.07
CA VAL D 85 -3.59 21.91 22.86
C VAL D 85 -2.87 20.69 22.31
N TYR D 86 -2.98 20.48 21.00
CA TYR D 86 -2.39 19.31 20.35
C TYR D 86 -1.32 19.76 19.36
N TYR D 87 -0.18 19.07 19.38
CA TYR D 87 0.93 19.34 18.48
C TYR D 87 1.23 18.11 17.64
N CYS D 88 1.72 18.36 16.42
CA CYS D 88 2.21 17.30 15.54
C CYS D 88 3.70 17.52 15.30
N GLN D 89 4.44 16.40 15.24
CA GLN D 89 5.89 16.44 15.09
C GLN D 89 6.34 15.32 14.16
N GLN D 90 7.26 15.63 13.26
CA GLN D 90 7.82 14.67 12.34
C GLN D 90 9.17 14.16 12.85
N TYR D 91 9.45 12.89 12.57
CA TYR D 91 10.73 12.26 12.89
C TYR D 91 11.21 11.42 11.71
N ASN D 92 11.03 11.96 10.51
CA ASN D 92 11.39 11.28 9.27
C ASN D 92 12.64 11.84 8.62
N ASN D 93 12.96 13.10 8.91
CA ASN D 93 14.19 13.71 8.42
C ASN D 93 14.62 14.72 9.49
N TRP D 94 15.48 14.27 10.40
CA TRP D 94 15.96 15.09 11.49
C TRP D 94 17.40 14.70 11.77
N PRO D 95 18.19 15.60 12.38
CA PRO D 95 17.87 16.95 12.88
C PRO D 95 17.68 18.00 11.78
N PRO D 96 16.85 19.03 12.04
CA PRO D 96 16.10 19.28 13.29
C PRO D 96 14.81 18.50 13.43
N ILE D 97 14.43 18.14 14.65
CA ILE D 97 13.07 17.69 14.91
C ILE D 97 12.16 18.92 14.94
N THR D 98 11.10 18.89 14.15
CA THR D 98 10.23 20.04 13.99
C THR D 98 8.82 19.72 14.44
N PHE D 99 8.22 20.67 15.17
CA PHE D 99 6.84 20.61 15.60
C PHE D 99 5.99 21.55 14.77
N GLY D 100 4.67 21.37 14.86
CA GLY D 100 3.74 22.37 14.38
C GLY D 100 3.43 23.38 15.47
N GLN D 101 2.81 24.50 15.05
CA GLN D 101 2.48 25.56 15.99
C GLN D 101 1.34 25.18 16.94
N GLY D 102 0.68 24.07 16.71
CA GLY D 102 -0.32 23.59 17.64
C GLY D 102 -1.72 24.12 17.36
N THR D 103 -2.71 23.45 17.96
CA THR D 103 -4.11 23.82 17.83
C THR D 103 -4.76 23.75 19.22
N ARG D 104 -5.49 24.80 19.57
CA ARG D 104 -6.21 24.87 20.84
C ARG D 104 -7.64 24.42 20.64
N LEU D 105 -8.08 23.47 21.46
CA LEU D 105 -9.46 22.98 21.45
C LEU D 105 -10.23 23.69 22.55
N GLU D 106 -11.15 24.56 22.17
CA GLU D 106 -11.97 25.29 23.12
C GLU D 106 -13.36 24.67 23.21
N ILE D 107 -13.94 24.72 24.40
CA ILE D 107 -15.27 24.20 24.64
C ILE D 107 -16.31 25.19 24.13
N LYS D 108 -17.32 24.66 23.44
CA LYS D 108 -18.40 25.47 22.86
C LYS D 108 -19.56 25.54 23.85
N ARG D 109 -20.03 26.76 24.11
CA ARG D 109 -21.17 26.99 24.98
C ARG D 109 -22.06 28.05 24.34
N THR D 110 -23.15 28.39 25.03
CA THR D 110 -24.09 29.37 24.51
C THR D 110 -23.46 30.76 24.49
N VAL D 111 -23.91 31.57 23.53
CA VAL D 111 -23.40 32.94 23.40
C VAL D 111 -23.69 33.70 24.69
N ALA D 112 -22.67 34.40 25.19
CA ALA D 112 -22.76 35.20 26.40
C ALA D 112 -22.41 36.65 26.08
N ALA D 113 -23.29 37.56 26.48
CA ALA D 113 -23.07 38.98 26.24
C ALA D 113 -22.00 39.51 27.20
N PRO D 114 -21.01 40.24 26.69
CA PRO D 114 -19.98 40.80 27.58
C PRO D 114 -20.53 41.89 28.49
N SER D 115 -19.90 42.04 29.64
CA SER D 115 -20.10 43.18 30.51
C SER D 115 -18.96 44.16 30.25
N VAL D 116 -19.29 45.40 29.90
CA VAL D 116 -18.31 46.38 29.45
C VAL D 116 -18.16 47.46 30.52
N PHE D 117 -16.91 47.75 30.89
CA PHE D 117 -16.56 48.78 31.84
C PHE D 117 -15.37 49.55 31.31
N ILE D 118 -15.40 50.87 31.47
CA ILE D 118 -14.37 51.77 30.92
C ILE D 118 -13.71 52.53 32.07
N PHE D 119 -12.39 52.62 32.02
CA PHE D 119 -11.62 53.24 33.09
C PHE D 119 -10.69 54.30 32.52
N PRO D 120 -10.95 55.59 32.77
CA PRO D 120 -9.94 56.59 32.50
C PRO D 120 -8.76 56.39 33.42
N PRO D 121 -7.56 56.79 33.00
CA PRO D 121 -6.37 56.52 33.81
C PRO D 121 -6.43 57.23 35.15
N SER D 122 -5.85 56.59 36.17
CA SER D 122 -5.78 57.18 37.49
C SER D 122 -4.92 58.44 37.49
N ASP D 123 -5.28 59.38 38.36
CA ASP D 123 -4.62 60.70 38.36
C ASP D 123 -3.13 60.60 38.59
N GLU D 124 -2.67 59.56 39.32
CA GLU D 124 -1.25 59.39 39.57
C GLU D 124 -0.46 59.05 38.31
N GLN D 125 -1.11 58.44 37.31
CA GLN D 125 -0.42 58.14 36.07
C GLN D 125 -0.13 59.41 35.27
N LEU D 126 -1.00 60.41 35.37
CA LEU D 126 -0.74 61.69 34.73
C LEU D 126 0.39 62.45 35.42
N LYS D 127 0.75 62.06 36.64
CA LYS D 127 1.94 62.62 37.28
C LYS D 127 3.19 62.27 36.48
N SER D 128 3.26 61.03 35.98
CA SER D 128 4.40 60.58 35.18
C SER D 128 4.27 60.89 33.70
N GLY D 129 3.10 61.38 33.25
CA GLY D 129 2.96 61.82 31.88
C GLY D 129 2.54 60.78 30.86
N THR D 130 1.89 59.70 31.30
CA THR D 130 1.37 58.68 30.39
C THR D 130 -0.07 58.36 30.75
N ALA D 131 -0.92 58.21 29.74
CA ALA D 131 -2.34 57.92 29.92
C ALA D 131 -2.64 56.53 29.40
N SER D 132 -3.25 55.70 30.25
CA SER D 132 -3.69 54.36 29.87
C SER D 132 -5.18 54.25 30.13
N VAL D 133 -5.96 54.10 29.06
CA VAL D 133 -7.40 53.93 29.16
C VAL D 133 -7.73 52.45 28.99
N VAL D 134 -8.43 51.88 29.97
CA VAL D 134 -8.67 50.44 30.04
C VAL D 134 -10.15 50.19 29.81
N CYS D 135 -10.46 49.34 28.84
CA CYS D 135 -11.82 48.89 28.59
C CYS D 135 -11.88 47.39 28.82
N LEU D 136 -12.89 46.95 29.56
CA LEU D 136 -12.97 45.55 29.99
C LEU D 136 -14.22 44.91 29.41
N LEU D 137 -14.05 43.72 28.84
CA LEU D 137 -15.15 42.86 28.43
C LEU D 137 -15.10 41.64 29.34
N ASN D 138 -16.14 41.45 30.15
CA ASN D 138 -16.14 40.45 31.21
C ASN D 138 -17.13 39.34 30.89
N ASN D 139 -16.63 38.09 30.90
CA ASN D 139 -17.45 36.88 30.87
C ASN D 139 -18.36 36.85 29.64
N PHE D 140 -17.72 36.76 28.48
CA PHE D 140 -18.44 36.68 27.21
C PHE D 140 -18.00 35.44 26.43
N TYR D 141 -18.86 35.02 25.51
CA TYR D 141 -18.61 33.90 24.61
C TYR D 141 -19.39 34.16 23.33
N PRO D 142 -18.78 33.97 22.15
CA PRO D 142 -17.41 33.49 21.89
C PRO D 142 -16.32 34.54 22.08
N ARG D 143 -15.06 34.09 22.12
CA ARG D 143 -13.94 35.00 22.31
C ARG D 143 -13.87 36.07 21.22
N GLU D 144 -14.29 35.73 20.00
CA GLU D 144 -14.24 36.64 18.86
C GLU D 144 -15.06 37.90 19.15
N ALA D 145 -14.37 39.04 19.31
CA ALA D 145 -15.05 40.28 19.65
C ALA D 145 -14.32 41.43 18.99
N LYS D 146 -15.06 42.50 18.73
CA LYS D 146 -14.51 43.71 18.10
C LYS D 146 -14.53 44.83 19.12
N VAL D 147 -13.35 45.40 19.39
CA VAL D 147 -13.19 46.51 20.31
C VAL D 147 -12.51 47.65 19.57
N GLN D 148 -13.16 48.80 19.51
CA GLN D 148 -12.62 49.97 18.84
C GLN D 148 -12.65 51.16 19.80
N TRP D 149 -11.58 51.95 19.78
CA TRP D 149 -11.47 53.15 20.58
C TRP D 149 -11.89 54.36 19.77
N LYS D 150 -12.64 55.26 20.40
CA LYS D 150 -13.12 56.48 19.77
C LYS D 150 -12.68 57.69 20.58
N VAL D 151 -11.82 58.51 19.99
CA VAL D 151 -11.32 59.75 20.59
C VAL D 151 -12.02 60.90 19.88
N ASP D 152 -12.89 61.61 20.60
CA ASP D 152 -13.78 62.62 20.02
C ASP D 152 -14.56 62.04 18.84
N ASN D 153 -15.07 60.82 19.02
CA ASN D 153 -15.85 60.11 17.99
C ASN D 153 -15.04 59.86 16.72
N ALA D 154 -13.72 59.69 16.87
CA ALA D 154 -12.84 59.39 15.75
C ALA D 154 -12.22 58.02 15.96
N LEU D 155 -12.22 57.21 14.90
CA LEU D 155 -11.71 55.85 14.98
C LEU D 155 -10.21 55.85 15.24
N GLN D 156 -9.76 54.91 16.08
CA GLN D 156 -8.36 54.80 16.47
C GLN D 156 -7.83 53.43 16.07
N SER D 157 -6.55 53.39 15.69
CA SER D 157 -5.86 52.14 15.37
C SER D 157 -4.37 52.31 15.62
N GLY D 158 -3.71 51.19 15.92
CA GLY D 158 -2.28 51.23 16.16
C GLY D 158 -1.85 51.90 17.45
N ASN D 159 -2.74 51.99 18.43
CA ASN D 159 -2.42 52.64 19.70
C ASN D 159 -2.94 51.88 20.91
N SER D 160 -3.41 50.65 20.75
CA SER D 160 -3.99 49.89 21.84
C SER D 160 -3.47 48.46 21.83
N GLN D 161 -3.51 47.83 23.00
CA GLN D 161 -3.12 46.43 23.15
C GLN D 161 -4.22 45.67 23.86
N GLU D 162 -4.47 44.44 23.42
CA GLU D 162 -5.50 43.59 23.99
C GLU D 162 -4.87 42.42 24.74
N SER D 163 -5.60 41.90 25.72
CA SER D 163 -5.19 40.74 26.49
C SER D 163 -6.43 39.91 26.81
N VAL D 164 -6.37 38.61 26.57
CA VAL D 164 -7.50 37.71 26.76
C VAL D 164 -7.13 36.65 27.78
N THR D 165 -7.98 36.47 28.79
CA THR D 165 -7.78 35.41 29.78
C THR D 165 -8.02 34.05 29.13
N GLU D 166 -7.55 33.00 29.80
CA GLU D 166 -7.85 31.67 29.32
C GLU D 166 -9.31 31.32 29.61
N GLN D 167 -9.80 30.30 28.91
CA GLN D 167 -11.18 29.88 29.04
C GLN D 167 -11.48 29.47 30.48
N ASP D 168 -12.57 30.02 31.02
CA ASP D 168 -12.92 29.77 32.41
C ASP D 168 -13.32 28.31 32.62
N SER D 169 -12.91 27.75 33.75
CA SER D 169 -13.21 26.34 34.03
C SER D 169 -14.61 26.13 34.58
N LYS D 170 -15.26 27.19 35.08
CA LYS D 170 -16.56 27.07 35.71
C LYS D 170 -17.72 27.61 34.87
N ASP D 171 -17.48 28.61 34.01
CA ASP D 171 -18.49 29.12 33.11
C ASP D 171 -18.11 29.03 31.64
N SER D 172 -16.86 28.69 31.33
CA SER D 172 -16.40 28.50 29.95
C SER D 172 -16.60 29.74 29.09
N THR D 173 -16.28 30.91 29.65
CA THR D 173 -16.27 32.16 28.91
C THR D 173 -14.90 32.80 29.01
N TYR D 174 -14.72 33.89 28.27
CA TYR D 174 -13.46 34.61 28.21
C TYR D 174 -13.65 36.04 28.74
N SER D 175 -12.53 36.66 29.09
CA SER D 175 -12.52 38.07 29.48
C SER D 175 -11.40 38.78 28.73
N LEU D 176 -11.71 39.95 28.21
CA LEU D 176 -10.78 40.72 27.38
C LEU D 176 -10.56 42.10 27.99
N SER D 177 -9.32 42.56 27.92
CA SER D 177 -8.95 43.91 28.35
C SER D 177 -8.25 44.61 27.21
N SER D 178 -8.74 45.79 26.85
CA SER D 178 -8.15 46.61 25.80
C SER D 178 -7.61 47.89 26.42
N THR D 179 -6.29 48.01 26.46
CA THR D 179 -5.64 49.18 27.04
C THR D 179 -5.20 50.11 25.90
N LEU D 180 -5.67 51.35 25.95
CA LEU D 180 -5.26 52.38 25.01
C LEU D 180 -4.14 53.20 25.64
N THR D 181 -2.96 53.19 24.99
CA THR D 181 -1.77 53.89 25.48
C THR D 181 -1.57 55.15 24.66
N LEU D 182 -1.50 56.28 25.34
CA LEU D 182 -1.28 57.57 24.70
C LEU D 182 -0.56 58.46 25.71
N SER D 183 0.38 59.27 25.22
CA SER D 183 1.11 60.17 26.10
C SER D 183 0.16 61.22 26.68
N LYS D 184 0.51 61.73 27.87
CA LYS D 184 -0.33 62.72 28.53
C LYS D 184 -0.53 63.96 27.66
N ALA D 185 0.47 64.29 26.85
CA ALA D 185 0.32 65.41 25.92
C ALA D 185 -0.87 65.21 24.99
N ASP D 186 -0.94 64.05 24.34
CA ASP D 186 -2.05 63.76 23.43
C ASP D 186 -3.37 63.62 24.20
N TYR D 187 -3.32 63.03 25.39
CA TYR D 187 -4.54 62.82 26.18
C TYR D 187 -5.20 64.13 26.56
N GLU D 188 -4.39 65.14 26.91
CA GLU D 188 -4.91 66.43 27.35
C GLU D 188 -5.37 67.32 26.19
N LYS D 189 -5.44 66.79 24.96
CA LYS D 189 -5.88 67.56 23.81
C LYS D 189 -7.31 67.25 23.39
N HIS D 190 -7.88 66.14 23.85
CA HIS D 190 -9.17 65.66 23.39
C HIS D 190 -10.14 65.53 24.56
N LYS D 191 -11.43 65.43 24.23
CA LYS D 191 -12.48 65.47 25.23
C LYS D 191 -13.19 64.13 25.41
N VAL D 192 -13.71 63.55 24.34
CA VAL D 192 -14.52 62.33 24.43
C VAL D 192 -13.64 61.13 24.13
N TYR D 193 -13.65 60.16 25.04
CA TYR D 193 -12.99 58.87 24.84
C TYR D 193 -14.02 57.78 25.07
N ALA D 194 -14.19 56.90 24.08
CA ALA D 194 -15.23 55.89 24.11
C ALA D 194 -14.64 54.53 23.73
N CYS D 195 -15.33 53.48 24.18
CA CYS D 195 -14.97 52.10 23.88
C CYS D 195 -16.15 51.42 23.22
N GLU D 196 -15.98 51.02 21.96
CA GLU D 196 -17.07 50.39 21.20
C GLU D 196 -16.83 48.89 21.10
N VAL D 197 -17.83 48.11 21.52
CA VAL D 197 -17.74 46.66 21.56
C VAL D 197 -18.77 46.09 20.61
N THR D 198 -18.33 45.26 19.67
CA THR D 198 -19.22 44.53 18.78
C THR D 198 -19.01 43.04 19.03
N HIS D 199 -20.10 42.35 19.37
CA HIS D 199 -20.02 40.95 19.72
C HIS D 199 -21.31 40.27 19.24
N GLN D 200 -21.22 38.95 19.06
CA GLN D 200 -22.37 38.19 18.56
C GLN D 200 -23.52 38.21 19.56
N GLY D 201 -23.22 38.40 20.85
CA GLY D 201 -24.23 38.45 21.89
C GLY D 201 -24.93 39.78 22.05
N LEU D 202 -24.59 40.76 21.22
CA LEU D 202 -25.21 42.08 21.26
C LEU D 202 -25.94 42.31 19.95
N SER D 203 -27.21 42.72 20.04
CA SER D 203 -27.98 43.02 18.84
C SER D 203 -27.37 44.18 18.07
N SER D 204 -26.92 45.21 18.78
CA SER D 204 -26.19 46.34 18.23
C SER D 204 -24.97 46.58 19.09
N PRO D 205 -23.92 47.21 18.54
CA PRO D 205 -22.72 47.47 19.34
C PRO D 205 -23.03 48.33 20.56
N VAL D 206 -22.36 48.02 21.67
CA VAL D 206 -22.48 48.79 22.90
C VAL D 206 -21.29 49.73 23.00
N THR D 207 -21.51 50.91 23.56
CA THR D 207 -20.46 51.91 23.71
C THR D 207 -20.51 52.46 25.13
N LYS D 208 -19.40 52.34 25.84
CA LYS D 208 -19.18 53.05 27.08
C LYS D 208 -18.23 54.22 26.82
N SER D 209 -18.39 55.29 27.58
CA SER D 209 -17.62 56.49 27.33
C SER D 209 -17.50 57.29 28.62
N PHE D 210 -16.53 58.23 28.61
CA PHE D 210 -16.33 59.14 29.72
C PHE D 210 -15.93 60.50 29.16
N ASN D 211 -15.68 61.45 30.06
CA ASN D 211 -15.18 62.77 29.70
C ASN D 211 -13.98 63.12 30.56
N ARG D 212 -13.26 64.16 30.15
CA ARG D 212 -12.03 64.55 30.83
C ARG D 212 -12.28 64.91 32.29
N GLY D 213 -13.39 65.58 32.57
CA GLY D 213 -13.79 65.88 33.93
C GLY D 213 -14.56 64.75 34.56
N GLU D 214 -15.29 65.09 35.63
CA GLU D 214 -16.14 64.13 36.35
C GLU D 214 -15.35 62.93 36.85
#